data_3GMC
#
_entry.id   3GMC
#
_cell.length_a   110.490
_cell.length_b   129.540
_cell.length_c   89.100
_cell.angle_alpha   90.000
_cell.angle_beta   122.600
_cell.angle_gamma   90.000
#
_symmetry.space_group_name_H-M   'C 1 2 1'
#
loop_
_entity.id
_entity.type
_entity.pdbx_description
1 polymer '2-methyl-3-hydroxypyridine-5-carboxylic acid oxygenase'
2 non-polymer 'FLAVIN-ADENINE DINUCLEOTIDE'
3 non-polymer '5-hydroxy-6-methylpyridine-3-carboxylic acid'
4 water water
#
_entity_poly.entity_id   1
_entity_poly.type   'polypeptide(L)'
_entity_poly.pdbx_seq_one_letter_code
;MGSHHHHHHDITSLYKKAGSAAAVLEENLYFGGSFTMANVNKTPGKTRRAEVAGGGFAGLTAAIALKQNGWDVRLHEKSS
ELRAFGAGIYLWHNGLRVLEGLGALDDVLQGSHTPPTYETWMHNKSVSKETFNGLPWRIMTRSHLHDALVNRARALGVDI
SVNSEAVAADPVGRLTLQTGEVLEADLIVGADGVGSKVRDSIGFKQDRWVSKDGLIRLIVPRMKKELGHGEWDNTIDMWN
FWPRVQRILYSPCNENELYLGLMAPAADPRGSSVPIDLEVWVEMFPFLEPCLIEAAKLKTARYDKYETTKLDSWTRGKVA
LVGDAAHAMCPALAQGAGCAMVNAFSLSQDLEEGSSVEDALVAWETRIRPITDRCQALSGDYAANRSLSKGNMFTPAALE
AARYDPLRRVYSWPQ
;
_entity_poly.pdbx_strand_id   A,B
#
# COMPACT_ATOMS: atom_id res chain seq x y z
N THR A 47 12.34 -17.76 -30.69
CA THR A 47 11.42 -16.59 -30.55
C THR A 47 11.05 -16.34 -29.08
N ARG A 48 11.41 -15.16 -28.59
CA ARG A 48 11.16 -14.77 -27.20
C ARG A 48 9.71 -14.42 -26.91
N ARG A 49 9.25 -14.77 -25.70
CA ARG A 49 7.88 -14.49 -25.28
C ARG A 49 7.78 -13.63 -24.03
N ALA A 50 6.97 -12.58 -24.11
CA ALA A 50 6.79 -11.68 -22.98
C ALA A 50 5.33 -11.60 -22.56
N GLU A 51 5.13 -11.50 -21.25
CA GLU A 51 3.80 -11.36 -20.67
C GLU A 51 3.79 -10.01 -19.97
N VAL A 52 2.94 -9.11 -20.43
CA VAL A 52 2.84 -7.78 -19.83
C VAL A 52 1.56 -7.66 -19.03
N ALA A 53 1.70 -7.36 -17.74
CA ALA A 53 0.54 -7.19 -16.86
C ALA A 53 0.22 -5.71 -16.70
N GLY A 54 -0.89 -5.28 -17.30
CA GLY A 54 -1.30 -3.88 -17.20
C GLY A 54 -1.51 -3.24 -18.56
N GLY A 55 -2.69 -2.64 -18.75
CA GLY A 55 -2.98 -2.01 -20.03
C GLY A 55 -2.90 -0.49 -20.03
N GLY A 56 -2.09 0.06 -19.13
CA GLY A 56 -1.92 1.50 -19.07
C GLY A 56 -0.89 1.97 -20.07
N PHE A 57 -0.43 3.22 -19.93
CA PHE A 57 0.56 3.74 -20.86
C PHE A 57 1.88 2.98 -20.81
N ALA A 58 2.24 2.49 -19.62
CA ALA A 58 3.48 1.76 -19.46
C ALA A 58 3.42 0.39 -20.12
N GLY A 59 2.35 -0.36 -19.84
CA GLY A 59 2.19 -1.68 -20.42
C GLY A 59 2.06 -1.63 -21.93
N LEU A 60 1.27 -0.68 -22.43
CA LEU A 60 1.06 -0.52 -23.87
C LEU A 60 2.39 -0.17 -24.53
N THR A 61 3.16 0.73 -23.90
CA THR A 61 4.46 1.12 -24.42
C THR A 61 5.38 -0.09 -24.46
N ALA A 62 5.45 -0.84 -23.37
CA ALA A 62 6.30 -2.03 -23.31
C ALA A 62 5.94 -3.04 -24.39
N ALA A 63 4.65 -3.38 -24.47
CA ALA A 63 4.17 -4.35 -25.44
C ALA A 63 4.58 -3.97 -26.85
N ILE A 64 4.25 -2.74 -27.25
CA ILE A 64 4.58 -2.27 -28.58
C ILE A 64 6.08 -2.32 -28.87
N ALA A 65 6.90 -1.80 -27.96
CA ALA A 65 8.34 -1.80 -28.17
C ALA A 65 8.88 -3.23 -28.31
N LEU A 66 8.38 -4.14 -27.48
CA LEU A 66 8.83 -5.53 -27.57
C LEU A 66 8.39 -6.19 -28.87
N LYS A 67 7.13 -6.00 -29.25
CA LYS A 67 6.62 -6.60 -30.48
C LYS A 67 7.43 -6.11 -31.69
N GLN A 68 7.82 -4.84 -31.66
CA GLN A 68 8.60 -4.27 -32.75
C GLN A 68 9.96 -4.95 -32.88
N ASN A 69 10.46 -5.51 -31.78
CA ASN A 69 11.74 -6.18 -31.81
C ASN A 69 11.63 -7.69 -31.97
N GLY A 70 10.48 -8.15 -32.47
CA GLY A 70 10.30 -9.57 -32.71
C GLY A 70 9.82 -10.43 -31.55
N TRP A 71 9.46 -9.84 -30.42
CA TRP A 71 8.97 -10.63 -29.31
C TRP A 71 7.53 -11.02 -29.56
N ASP A 72 7.13 -12.17 -29.02
CA ASP A 72 5.73 -12.56 -29.12
C ASP A 72 5.24 -11.98 -27.80
N VAL A 73 4.26 -11.10 -27.86
CA VAL A 73 3.78 -10.45 -26.65
C VAL A 73 2.29 -10.54 -26.38
N ARG A 74 1.94 -10.80 -25.12
CA ARG A 74 0.55 -10.82 -24.72
C ARG A 74 0.41 -9.83 -23.58
N LEU A 75 -0.56 -8.94 -23.70
CA LEU A 75 -0.81 -7.94 -22.67
C LEU A 75 -2.08 -8.29 -21.94
N HIS A 76 -2.04 -8.16 -20.62
CA HIS A 76 -3.19 -8.46 -19.76
C HIS A 76 -3.77 -7.21 -19.13
N GLU A 77 -5.06 -6.99 -19.32
CA GLU A 77 -5.76 -5.86 -18.74
C GLU A 77 -6.92 -6.41 -17.92
N LYS A 78 -6.89 -6.18 -16.61
CA LYS A 78 -7.93 -6.70 -15.71
C LYS A 78 -9.31 -6.12 -16.01
N SER A 79 -9.36 -4.92 -16.58
CA SER A 79 -10.63 -4.30 -16.89
C SER A 79 -11.30 -5.02 -18.06
N SER A 80 -12.61 -4.84 -18.22
CA SER A 80 -13.34 -5.48 -19.30
C SER A 80 -13.16 -4.75 -20.63
N GLU A 81 -12.58 -3.57 -20.58
CA GLU A 81 -12.31 -2.79 -21.79
C GLU A 81 -11.04 -1.96 -21.61
N LEU A 82 -10.36 -1.69 -22.70
CA LEU A 82 -9.13 -0.90 -22.67
C LEU A 82 -9.43 0.59 -22.63
N ARG A 83 -9.14 1.23 -21.50
CA ARG A 83 -9.39 2.65 -21.37
C ARG A 83 -8.43 3.32 -20.39
N ALA A 84 -8.36 4.65 -20.45
CA ALA A 84 -7.48 5.42 -19.58
C ALA A 84 -8.28 6.46 -18.81
N PHE A 85 -7.92 6.66 -17.55
CA PHE A 85 -8.60 7.64 -16.70
C PHE A 85 -7.65 8.79 -16.38
N GLY A 86 -8.21 9.88 -15.89
CA GLY A 86 -7.40 11.05 -15.55
C GLY A 86 -7.72 12.25 -16.41
N ALA A 87 -8.71 12.10 -17.28
CA ALA A 87 -9.15 13.18 -18.17
C ALA A 87 -8.11 13.63 -19.21
N GLY A 88 -7.11 14.40 -18.77
CA GLY A 88 -6.11 14.88 -19.70
C GLY A 88 -4.69 14.57 -19.28
N ILE A 89 -3.73 14.83 -20.17
CA ILE A 89 -2.34 14.55 -19.85
C ILE A 89 -1.36 15.37 -20.67
N TYR A 90 -0.24 15.72 -20.04
CA TYR A 90 0.85 16.49 -20.67
C TYR A 90 1.95 15.51 -21.05
N LEU A 91 2.50 15.69 -22.24
CA LEU A 91 3.58 14.86 -22.71
C LEU A 91 4.67 15.83 -23.17
N TRP A 92 5.93 15.49 -22.93
CA TRP A 92 7.03 16.36 -23.34
C TRP A 92 7.89 15.65 -24.36
N HIS A 93 8.97 16.32 -24.76
CA HIS A 93 9.94 15.80 -25.71
C HIS A 93 10.29 14.34 -25.44
N ASN A 94 10.64 14.00 -24.20
CA ASN A 94 11.01 12.64 -23.90
C ASN A 94 9.89 11.65 -24.22
N GLY A 95 8.66 12.00 -23.84
CA GLY A 95 7.52 11.13 -24.12
C GLY A 95 7.14 11.14 -25.59
N LEU A 96 7.28 12.29 -26.25
CA LEU A 96 6.95 12.39 -27.66
C LEU A 96 7.91 11.56 -28.49
N ARG A 97 9.14 11.44 -28.01
CA ARG A 97 10.14 10.65 -28.71
C ARG A 97 9.80 9.17 -28.61
N VAL A 98 9.31 8.75 -27.44
CA VAL A 98 8.92 7.36 -27.27
C VAL A 98 7.84 7.04 -28.30
N LEU A 99 6.86 7.95 -28.43
CA LEU A 99 5.79 7.75 -29.39
C LEU A 99 6.36 7.59 -30.80
N GLU A 100 7.41 8.35 -31.10
CA GLU A 100 8.05 8.27 -32.40
C GLU A 100 8.66 6.88 -32.57
N GLY A 101 9.38 6.46 -31.54
CA GLY A 101 10.01 5.14 -31.58
C GLY A 101 9.00 4.01 -31.60
N LEU A 102 7.78 4.30 -31.16
CA LEU A 102 6.71 3.31 -31.14
C LEU A 102 5.88 3.35 -32.41
N GLY A 103 6.12 4.35 -33.24
CA GLY A 103 5.37 4.49 -34.47
C GLY A 103 3.93 4.91 -34.18
N ALA A 104 3.75 5.70 -33.12
CA ALA A 104 2.41 6.17 -32.74
C ALA A 104 2.34 7.69 -32.56
N LEU A 105 3.36 8.41 -33.03
CA LEU A 105 3.40 9.86 -32.88
C LEU A 105 2.38 10.61 -33.73
N ASP A 106 2.26 10.21 -34.99
CA ASP A 106 1.33 10.88 -35.90
C ASP A 106 -0.10 10.90 -35.40
N ASP A 107 -0.59 9.76 -34.90
CA ASP A 107 -1.95 9.71 -34.40
C ASP A 107 -2.12 10.56 -33.15
N VAL A 108 -1.02 10.78 -32.42
CA VAL A 108 -1.10 11.60 -31.21
C VAL A 108 -1.09 13.09 -31.54
N LEU A 109 -0.13 13.51 -32.36
CA LEU A 109 -0.03 14.92 -32.75
C LEU A 109 -1.31 15.41 -33.40
N GLN A 110 -1.87 14.60 -34.29
CA GLN A 110 -3.12 14.97 -34.94
C GLN A 110 -4.19 14.92 -33.87
N GLY A 111 -4.78 16.06 -33.53
CA GLY A 111 -5.81 16.08 -32.52
C GLY A 111 -5.37 16.45 -31.11
N SER A 112 -4.08 16.79 -30.94
CA SER A 112 -3.58 17.20 -29.63
C SER A 112 -3.20 18.67 -29.73
N HIS A 113 -2.69 19.25 -28.65
CA HIS A 113 -2.39 20.68 -28.66
C HIS A 113 -1.06 21.10 -28.01
N THR A 114 -0.41 22.10 -28.59
CA THR A 114 0.80 22.65 -27.99
C THR A 114 0.47 24.13 -27.77
N PRO A 115 0.22 24.52 -26.51
CA PRO A 115 -0.11 25.92 -26.19
C PRO A 115 1.01 26.86 -26.62
N PRO A 116 0.67 28.13 -26.94
CA PRO A 116 1.70 29.09 -27.35
C PRO A 116 2.68 29.27 -26.20
N THR A 117 2.19 29.16 -24.98
CA THR A 117 3.04 29.32 -23.82
C THR A 117 2.46 28.64 -22.58
N TYR A 118 3.32 28.43 -21.59
CA TYR A 118 2.92 27.83 -20.34
C TYR A 118 2.96 29.00 -19.36
N GLU A 119 1.77 29.49 -19.02
CA GLU A 119 1.63 30.65 -18.15
C GLU A 119 1.17 30.31 -16.74
N THR A 120 1.69 31.07 -15.76
CA THR A 120 1.33 30.87 -14.37
C THR A 120 0.74 32.14 -13.78
N TRP A 121 -0.33 31.98 -13.01
CA TRP A 121 -1.00 33.11 -12.36
C TRP A 121 -1.00 32.89 -10.86
N MET A 122 -0.91 33.98 -10.12
CA MET A 122 -0.99 33.95 -8.68
C MET A 122 -2.00 35.04 -8.38
N HIS A 123 -3.16 34.65 -7.86
CA HIS A 123 -4.23 35.59 -7.55
C HIS A 123 -4.60 36.42 -8.78
N ASN A 124 -4.67 35.74 -9.92
CA ASN A 124 -5.06 36.35 -11.19
C ASN A 124 -4.05 37.29 -11.79
N LYS A 125 -2.85 37.32 -11.24
CA LYS A 125 -1.78 38.15 -11.77
C LYS A 125 -0.83 37.20 -12.49
N SER A 126 -0.55 37.47 -13.76
CA SER A 126 0.36 36.63 -14.51
C SER A 126 1.77 36.80 -13.96
N VAL A 127 2.38 35.73 -13.49
CA VAL A 127 3.73 35.82 -12.92
C VAL A 127 4.82 35.23 -13.80
N SER A 128 4.43 34.55 -14.88
CA SER A 128 5.41 33.99 -15.80
C SER A 128 4.79 33.33 -17.01
N LYS A 129 5.54 33.33 -18.10
CA LYS A 129 5.16 32.71 -19.35
C LYS A 129 6.43 32.01 -19.82
N GLU A 130 6.39 30.68 -19.90
CA GLU A 130 7.55 29.88 -20.29
C GLU A 130 7.31 29.06 -21.55
N THR A 131 8.33 28.96 -22.40
CA THR A 131 8.24 28.17 -23.63
C THR A 131 9.35 27.14 -23.73
N PHE A 132 10.14 27.02 -22.67
CA PHE A 132 11.20 26.02 -22.58
C PHE A 132 12.25 25.98 -23.70
N ASN A 133 12.53 27.12 -24.32
CA ASN A 133 13.52 27.16 -25.39
C ASN A 133 13.30 26.14 -26.50
N GLY A 134 12.06 26.06 -27.00
CA GLY A 134 11.77 25.15 -28.10
C GLY A 134 11.54 23.70 -27.75
N LEU A 135 11.73 23.34 -26.48
CA LEU A 135 11.54 21.97 -26.01
C LEU A 135 10.12 21.52 -26.37
N PRO A 136 9.99 20.48 -27.18
CA PRO A 136 8.67 19.97 -27.57
C PRO A 136 7.82 19.50 -26.41
N TRP A 137 6.54 19.88 -26.42
CA TRP A 137 5.59 19.43 -25.39
C TRP A 137 4.22 19.36 -26.03
N ARG A 138 3.27 18.71 -25.36
CA ARG A 138 1.94 18.55 -25.94
C ARG A 138 0.89 18.22 -24.87
N ILE A 139 -0.34 18.65 -25.12
CA ILE A 139 -1.45 18.39 -24.21
C ILE A 139 -2.52 17.62 -24.98
N MET A 140 -3.12 16.62 -24.35
CA MET A 140 -4.14 15.82 -25.01
C MET A 140 -5.02 15.14 -23.98
N THR A 141 -6.17 14.62 -24.40
CA THR A 141 -7.03 13.91 -23.46
C THR A 141 -6.36 12.55 -23.29
N ARG A 142 -6.56 11.92 -22.14
CA ARG A 142 -5.94 10.62 -21.90
C ARG A 142 -6.38 9.58 -22.93
N SER A 143 -7.65 9.59 -23.32
CA SER A 143 -8.15 8.61 -24.27
C SER A 143 -7.54 8.81 -25.65
N HIS A 144 -7.14 10.04 -25.96
CA HIS A 144 -6.54 10.32 -27.26
C HIS A 144 -5.17 9.62 -27.32
N LEU A 145 -4.46 9.66 -26.20
CA LEU A 145 -3.14 9.04 -26.15
C LEU A 145 -3.30 7.53 -26.04
N HIS A 146 -4.25 7.10 -25.23
CA HIS A 146 -4.49 5.69 -25.04
C HIS A 146 -4.89 5.02 -26.36
N ASP A 147 -5.78 5.65 -27.12
CA ASP A 147 -6.23 5.07 -28.39
C ASP A 147 -5.09 4.90 -29.38
N ALA A 148 -4.21 5.89 -29.46
CA ALA A 148 -3.07 5.83 -30.37
C ALA A 148 -2.22 4.61 -30.04
N LEU A 149 -2.00 4.38 -28.74
CA LEU A 149 -1.21 3.24 -28.28
C LEU A 149 -1.91 1.89 -28.54
N VAL A 150 -3.21 1.84 -28.29
CA VAL A 150 -3.97 0.62 -28.52
C VAL A 150 -4.06 0.25 -30.01
N ASN A 151 -4.30 1.23 -30.87
CA ASN A 151 -4.39 0.97 -32.30
C ASN A 151 -3.05 0.43 -32.82
N ARG A 152 -1.96 1.03 -32.36
CA ARG A 152 -0.62 0.62 -32.77
C ARG A 152 -0.34 -0.79 -32.28
N ALA A 153 -0.70 -1.07 -31.04
CA ALA A 153 -0.48 -2.39 -30.47
C ALA A 153 -1.21 -3.45 -31.29
N ARG A 154 -2.43 -3.13 -31.71
CA ARG A 154 -3.23 -4.06 -32.50
C ARG A 154 -2.74 -4.21 -33.93
N ALA A 155 -2.29 -3.12 -34.54
CA ALA A 155 -1.79 -3.19 -35.90
C ALA A 155 -0.52 -4.03 -35.92
N LEU A 156 0.11 -4.16 -34.76
CA LEU A 156 1.35 -4.91 -34.62
C LEU A 156 1.14 -6.39 -34.32
N GLY A 157 -0.07 -6.74 -33.93
CA GLY A 157 -0.35 -8.14 -33.63
C GLY A 157 -0.10 -8.46 -32.17
N VAL A 158 -0.12 -7.44 -31.32
CA VAL A 158 0.08 -7.68 -29.89
C VAL A 158 -1.19 -8.34 -29.40
N ASP A 159 -1.05 -9.45 -28.68
CA ASP A 159 -2.23 -10.14 -28.16
C ASP A 159 -2.66 -9.45 -26.87
N ILE A 160 -3.85 -8.86 -26.90
CA ILE A 160 -4.39 -8.15 -25.75
C ILE A 160 -5.56 -8.90 -25.14
N SER A 161 -5.43 -9.28 -23.87
CA SER A 161 -6.48 -9.98 -23.17
C SER A 161 -7.14 -9.08 -22.14
N VAL A 162 -8.46 -8.90 -22.25
CA VAL A 162 -9.19 -8.09 -21.29
C VAL A 162 -9.71 -9.07 -20.23
N ASN A 163 -10.23 -8.55 -19.12
CA ASN A 163 -10.73 -9.39 -18.05
C ASN A 163 -9.65 -10.35 -17.58
N SER A 164 -8.40 -9.97 -17.81
CA SER A 164 -7.26 -10.80 -17.43
C SER A 164 -6.47 -10.05 -16.36
N GLU A 165 -6.59 -10.51 -15.12
CA GLU A 165 -5.92 -9.87 -14.00
C GLU A 165 -4.74 -10.66 -13.45
N ALA A 166 -3.55 -10.07 -13.50
CA ALA A 166 -2.35 -10.73 -12.99
C ALA A 166 -2.40 -10.59 -11.48
N VAL A 167 -2.11 -11.69 -10.78
CA VAL A 167 -2.16 -11.68 -9.33
C VAL A 167 -0.83 -12.08 -8.71
N ALA A 168 0.05 -12.64 -9.53
CA ALA A 168 1.37 -13.05 -9.05
C ALA A 168 2.34 -13.27 -10.18
N ALA A 169 3.62 -13.06 -9.89
CA ALA A 169 4.68 -13.23 -10.85
C ALA A 169 5.86 -13.92 -10.18
N ASP A 170 6.46 -14.85 -10.91
CA ASP A 170 7.60 -15.61 -10.42
C ASP A 170 8.84 -15.18 -11.20
N PRO A 171 9.91 -14.81 -10.48
CA PRO A 171 11.16 -14.38 -11.11
C PRO A 171 11.70 -15.39 -12.13
N VAL A 172 11.34 -16.66 -11.96
CA VAL A 172 11.79 -17.69 -12.88
C VAL A 172 11.15 -17.51 -14.24
N GLY A 173 10.12 -16.67 -14.31
CA GLY A 173 9.45 -16.42 -15.58
C GLY A 173 8.06 -17.00 -15.66
N ARG A 174 7.22 -16.71 -14.66
CA ARG A 174 5.87 -17.22 -14.67
C ARG A 174 4.92 -16.15 -14.13
N LEU A 175 3.77 -16.01 -14.79
CA LEU A 175 2.77 -15.04 -14.40
C LEU A 175 1.47 -15.76 -14.07
N THR A 176 0.95 -15.53 -12.85
CA THR A 176 -0.29 -16.18 -12.45
C THR A 176 -1.45 -15.21 -12.53
N LEU A 177 -2.55 -15.65 -13.13
CA LEU A 177 -3.73 -14.84 -13.27
C LEU A 177 -4.71 -15.11 -12.13
N GLN A 178 -5.67 -14.19 -11.94
CA GLN A 178 -6.65 -14.30 -10.87
C GLN A 178 -7.41 -15.62 -10.89
N THR A 179 -7.56 -16.21 -12.07
CA THR A 179 -8.27 -17.49 -12.22
C THR A 179 -7.44 -18.66 -11.72
N GLY A 180 -6.14 -18.46 -11.57
CA GLY A 180 -5.28 -19.53 -11.12
C GLY A 180 -4.43 -20.01 -12.28
N GLU A 181 -4.82 -19.65 -13.49
CA GLU A 181 -4.07 -20.04 -14.68
C GLU A 181 -2.66 -19.47 -14.57
N VAL A 182 -1.65 -20.30 -14.85
CA VAL A 182 -0.27 -19.86 -14.76
C VAL A 182 0.32 -19.82 -16.16
N LEU A 183 0.99 -18.72 -16.48
CA LEU A 183 1.59 -18.56 -17.80
C LEU A 183 3.11 -18.51 -17.68
N GLU A 184 3.78 -19.05 -18.69
CA GLU A 184 5.24 -19.06 -18.71
C GLU A 184 5.73 -18.20 -19.86
N ALA A 185 6.81 -17.47 -19.61
CA ALA A 185 7.40 -16.61 -20.62
C ALA A 185 8.86 -16.35 -20.29
N ASP A 186 9.57 -15.68 -21.19
CA ASP A 186 10.97 -15.38 -21.00
C ASP A 186 11.12 -14.02 -20.31
N LEU A 187 10.03 -13.25 -20.34
CA LEU A 187 10.00 -11.94 -19.72
C LEU A 187 8.62 -11.61 -19.20
N ILE A 188 8.57 -11.15 -17.95
CA ILE A 188 7.32 -10.77 -17.33
C ILE A 188 7.44 -9.28 -16.99
N VAL A 189 6.53 -8.48 -17.50
CA VAL A 189 6.54 -7.04 -17.21
C VAL A 189 5.41 -6.63 -16.29
N GLY A 190 5.78 -6.06 -15.14
CA GLY A 190 4.80 -5.60 -14.18
C GLY A 190 4.49 -4.13 -14.44
N ALA A 191 3.40 -3.88 -15.16
CA ALA A 191 2.98 -2.51 -15.48
C ALA A 191 1.54 -2.36 -15.00
N ASP A 192 1.24 -2.90 -13.84
CA ASP A 192 -0.11 -2.86 -13.30
C ASP A 192 -0.43 -1.70 -12.34
N GLY A 193 0.33 -0.61 -12.45
CA GLY A 193 0.11 0.58 -11.64
C GLY A 193 0.34 0.49 -10.15
N VAL A 194 -0.04 1.54 -9.43
CA VAL A 194 0.13 1.56 -7.98
C VAL A 194 -0.72 0.42 -7.44
N GLY A 195 -0.27 -0.20 -6.36
CA GLY A 195 -1.02 -1.31 -5.80
C GLY A 195 -0.69 -2.57 -6.60
N SER A 196 0.34 -2.46 -7.43
CA SER A 196 0.79 -3.56 -8.27
C SER A 196 0.88 -4.92 -7.56
N LYS A 197 0.06 -5.87 -8.01
CA LYS A 197 0.06 -7.22 -7.43
C LYS A 197 1.32 -7.96 -7.88
N VAL A 198 1.82 -7.64 -9.05
CA VAL A 198 3.02 -8.27 -9.57
C VAL A 198 4.18 -7.96 -8.63
N ARG A 199 4.31 -6.68 -8.30
CA ARG A 199 5.35 -6.21 -7.40
C ARG A 199 5.21 -6.82 -6.01
N ASP A 200 4.02 -6.68 -5.43
CA ASP A 200 3.77 -7.19 -4.09
C ASP A 200 3.82 -8.70 -3.94
N SER A 201 3.68 -9.43 -5.04
CA SER A 201 3.73 -10.89 -4.99
C SER A 201 5.18 -11.32 -4.84
N ILE A 202 6.10 -10.43 -5.20
CA ILE A 202 7.51 -10.75 -5.12
C ILE A 202 8.12 -10.12 -3.87
N GLY A 203 7.65 -8.95 -3.50
CA GLY A 203 8.17 -8.28 -2.32
C GLY A 203 9.36 -7.39 -2.59
N PHE A 204 9.10 -6.08 -2.66
CA PHE A 204 10.15 -5.09 -2.89
C PHE A 204 10.19 -4.11 -1.72
N LYS A 205 11.38 -3.62 -1.38
CA LYS A 205 11.52 -2.63 -0.30
C LYS A 205 10.88 -1.38 -0.89
N GLN A 206 9.88 -0.83 -0.20
CA GLN A 206 9.16 0.32 -0.74
C GLN A 206 8.97 1.56 0.14
N ASP A 207 9.25 2.72 -0.43
CA ASP A 207 9.07 3.99 0.27
C ASP A 207 7.71 4.47 -0.25
N ARG A 208 6.73 4.56 0.62
CA ARG A 208 5.40 4.97 0.21
C ARG A 208 4.92 6.24 0.90
N TRP A 209 4.25 7.09 0.14
CA TRP A 209 3.70 8.33 0.66
C TRP A 209 2.39 8.60 -0.05
N VAL A 210 1.43 9.17 0.66
CA VAL A 210 0.15 9.48 0.08
C VAL A 210 -0.17 10.96 0.30
N SER A 211 -0.69 11.59 -0.74
CA SER A 211 -1.06 13.00 -0.67
C SER A 211 -2.44 13.14 -0.02
N LYS A 212 -2.53 13.96 1.02
CA LYS A 212 -3.80 14.16 1.70
C LYS A 212 -4.73 14.97 0.79
N ASP A 213 -4.14 15.85 -0.02
CA ASP A 213 -4.89 16.69 -0.94
C ASP A 213 -4.93 16.15 -2.37
N GLY A 214 -6.09 16.30 -3.01
CA GLY A 214 -6.23 15.83 -4.38
C GLY A 214 -6.85 16.88 -5.29
N LEU A 215 -7.40 16.42 -6.41
CA LEU A 215 -8.01 17.35 -7.35
C LEU A 215 -9.07 16.66 -8.19
N ILE A 216 -9.83 17.48 -8.91
CA ILE A 216 -10.89 16.99 -9.78
C ILE A 216 -10.45 17.30 -11.21
N ARG A 217 -10.18 16.26 -11.98
CA ARG A 217 -9.74 16.42 -13.38
C ARG A 217 -10.90 16.16 -14.32
N LEU A 218 -11.15 17.11 -15.21
CA LEU A 218 -12.27 16.98 -16.15
C LEU A 218 -11.97 17.44 -17.56
N ILE A 219 -12.78 16.96 -18.50
CA ILE A 219 -12.68 17.37 -19.88
C ILE A 219 -14.00 18.06 -20.16
N VAL A 220 -13.93 19.29 -20.64
CA VAL A 220 -15.12 20.07 -20.96
C VAL A 220 -14.91 20.82 -22.27
N PRO A 221 -15.97 21.41 -22.83
CA PRO A 221 -15.84 22.15 -24.08
C PRO A 221 -14.91 23.35 -23.88
N ARG A 222 -14.25 23.78 -24.96
CA ARG A 222 -13.34 24.93 -24.89
C ARG A 222 -14.12 26.21 -24.57
N MET A 223 -15.35 26.33 -25.09
CA MET A 223 -16.18 27.51 -24.87
C MET A 223 -15.36 28.77 -25.12
N LYS A 224 -14.43 28.68 -26.06
CA LYS A 224 -13.52 29.78 -26.38
C LYS A 224 -14.16 31.15 -26.61
N LYS A 225 -15.21 31.20 -27.41
CA LYS A 225 -15.87 32.47 -27.69
C LYS A 225 -16.46 33.09 -26.42
N GLU A 226 -17.05 32.25 -25.57
CA GLU A 226 -17.64 32.73 -24.34
C GLU A 226 -16.61 33.28 -23.35
N LEU A 227 -15.35 32.87 -23.52
CA LEU A 227 -14.31 33.34 -22.61
C LEU A 227 -13.87 34.76 -22.96
N GLY A 228 -14.27 35.25 -24.12
CA GLY A 228 -13.92 36.60 -24.53
C GLY A 228 -12.45 36.89 -24.60
N HIS A 229 -12.09 38.15 -24.45
CA HIS A 229 -10.70 38.60 -24.52
C HIS A 229 -9.75 37.80 -23.61
N GLY A 230 -8.60 37.42 -24.15
CA GLY A 230 -7.62 36.67 -23.39
C GLY A 230 -6.72 35.79 -24.25
N GLU A 231 -5.89 34.99 -23.61
CA GLU A 231 -4.98 34.07 -24.31
C GLU A 231 -5.43 32.67 -23.91
N TRP A 232 -6.63 32.31 -24.35
CA TRP A 232 -7.23 31.05 -23.99
C TRP A 232 -6.68 29.78 -24.64
N ASP A 233 -5.60 29.90 -25.41
CA ASP A 233 -4.98 28.72 -26.01
C ASP A 233 -3.80 28.31 -25.13
N ASN A 234 -3.41 29.17 -24.19
CA ASN A 234 -2.28 28.86 -23.32
C ASN A 234 -2.62 27.86 -22.22
N THR A 235 -1.57 27.32 -21.63
CA THR A 235 -1.74 26.45 -20.48
C THR A 235 -1.66 27.56 -19.43
N ILE A 236 -2.59 27.58 -18.49
CA ILE A 236 -2.58 28.61 -17.45
C ILE A 236 -2.75 27.94 -16.10
N ASP A 237 -1.71 28.00 -15.27
CA ASP A 237 -1.78 27.42 -13.93
C ASP A 237 -2.24 28.55 -13.03
N MET A 238 -3.52 28.50 -12.65
CA MET A 238 -4.14 29.55 -11.83
C MET A 238 -4.13 29.29 -10.32
N TRP A 239 -3.10 29.78 -9.66
CA TRP A 239 -2.97 29.61 -8.21
C TRP A 239 -3.71 30.64 -7.37
N ASN A 240 -4.11 30.23 -6.18
CA ASN A 240 -4.80 31.10 -5.22
C ASN A 240 -4.62 30.53 -3.82
N PHE A 241 -4.33 31.42 -2.86
CA PHE A 241 -4.20 31.03 -1.46
C PHE A 241 -5.21 31.84 -0.67
N TRP A 242 -5.59 32.97 -1.24
CA TRP A 242 -6.58 33.86 -0.63
C TRP A 242 -7.67 34.10 -1.67
N PRO A 243 -8.94 34.17 -1.24
CA PRO A 243 -9.40 34.02 0.15
C PRO A 243 -9.40 32.57 0.60
N ARG A 244 -9.16 31.67 -0.36
CA ARG A 244 -9.13 30.23 -0.09
C ARG A 244 -8.01 29.61 -0.91
N VAL A 245 -7.64 28.39 -0.54
CA VAL A 245 -6.62 27.69 -1.30
C VAL A 245 -7.35 26.93 -2.40
N GLN A 246 -7.39 27.53 -3.59
CA GLN A 246 -8.04 26.91 -4.73
C GLN A 246 -7.17 27.20 -5.94
N ARG A 247 -6.96 26.18 -6.76
CA ARG A 247 -6.14 26.31 -7.95
C ARG A 247 -6.76 25.58 -9.13
N ILE A 248 -6.59 26.14 -10.32
CA ILE A 248 -7.08 25.48 -11.52
C ILE A 248 -6.00 25.45 -12.58
N LEU A 249 -5.62 24.26 -13.01
CA LEU A 249 -4.66 24.14 -14.10
C LEU A 249 -5.57 24.05 -15.34
N TYR A 250 -5.45 25.05 -16.20
CA TYR A 250 -6.23 25.18 -17.43
C TYR A 250 -5.35 24.67 -18.58
N SER A 251 -5.79 23.59 -19.25
CA SER A 251 -5.00 22.98 -20.33
C SER A 251 -5.78 22.58 -21.59
N PRO A 252 -5.76 23.42 -22.64
CA PRO A 252 -6.47 23.08 -23.89
C PRO A 252 -5.88 21.84 -24.55
N CYS A 253 -6.74 20.93 -25.02
CA CYS A 253 -6.29 19.68 -25.67
C CYS A 253 -6.38 19.74 -27.18
N ASN A 254 -7.28 20.59 -27.66
CA ASN A 254 -7.50 20.78 -29.08
C ASN A 254 -8.58 21.85 -29.21
N GLU A 255 -9.05 22.09 -30.43
CA GLU A 255 -10.07 23.11 -30.64
C GLU A 255 -11.40 22.80 -29.96
N ASN A 256 -11.63 21.53 -29.63
CA ASN A 256 -12.89 21.14 -29.01
C ASN A 256 -12.87 20.86 -27.51
N GLU A 257 -11.81 20.24 -27.03
CA GLU A 257 -11.71 19.87 -25.63
C GLU A 257 -10.74 20.64 -24.75
N LEU A 258 -11.18 20.87 -23.52
CA LEU A 258 -10.40 21.58 -22.52
C LEU A 258 -10.22 20.67 -21.31
N TYR A 259 -8.98 20.55 -20.87
CA TYR A 259 -8.64 19.73 -19.70
C TYR A 259 -8.46 20.63 -18.49
N LEU A 260 -9.31 20.42 -17.49
CA LEU A 260 -9.26 21.22 -16.27
C LEU A 260 -8.91 20.40 -15.04
N GLY A 261 -8.08 21.00 -14.18
CA GLY A 261 -7.70 20.36 -12.95
C GLY A 261 -8.10 21.33 -11.84
N LEU A 262 -9.15 21.00 -11.10
CA LEU A 262 -9.63 21.85 -10.02
C LEU A 262 -9.05 21.30 -8.73
N MET A 263 -8.17 22.06 -8.12
CA MET A 263 -7.49 21.62 -6.91
C MET A 263 -7.85 22.39 -5.67
N ALA A 264 -8.29 21.68 -4.63
CA ALA A 264 -8.64 22.30 -3.37
C ALA A 264 -8.28 21.31 -2.28
N PRO A 265 -8.09 21.77 -1.04
CA PRO A 265 -7.73 20.87 0.06
C PRO A 265 -8.84 19.86 0.36
N ALA A 266 -8.47 18.66 0.77
CA ALA A 266 -9.43 17.62 1.12
C ALA A 266 -10.34 18.10 2.24
N ALA A 267 -9.80 18.97 3.09
CA ALA A 267 -10.55 19.51 4.23
C ALA A 267 -11.59 20.56 3.80
N ASP A 268 -11.58 20.93 2.54
CA ASP A 268 -12.53 21.91 2.01
C ASP A 268 -13.75 21.15 1.51
N PRO A 269 -14.84 21.13 2.30
CA PRO A 269 -16.06 20.41 1.93
C PRO A 269 -16.68 20.90 0.62
N ARG A 270 -16.50 22.18 0.32
CA ARG A 270 -17.05 22.77 -0.88
C ARG A 270 -16.16 22.56 -2.12
N GLY A 271 -14.90 22.97 -2.00
CA GLY A 271 -13.97 22.84 -3.10
C GLY A 271 -13.61 21.45 -3.57
N SER A 272 -13.69 20.46 -2.69
CA SER A 272 -13.37 19.10 -3.06
C SER A 272 -14.58 18.25 -3.42
N SER A 273 -15.78 18.83 -3.34
CA SER A 273 -16.99 18.07 -3.62
C SER A 273 -17.25 17.79 -5.11
N VAL A 274 -17.90 16.66 -5.36
CA VAL A 274 -18.24 16.23 -6.72
C VAL A 274 -19.69 15.70 -6.76
N PRO A 275 -20.49 16.13 -7.75
CA PRO A 275 -20.15 17.07 -8.82
C PRO A 275 -19.61 18.35 -8.21
N ILE A 276 -18.91 19.16 -8.99
CA ILE A 276 -18.33 20.38 -8.44
C ILE A 276 -19.32 21.39 -7.91
N ASP A 277 -18.94 22.05 -6.81
CA ASP A 277 -19.77 23.08 -6.20
C ASP A 277 -19.53 24.32 -7.07
N LEU A 278 -20.31 24.43 -8.14
CA LEU A 278 -20.19 25.52 -9.11
C LEU A 278 -19.85 26.87 -8.49
N GLU A 279 -20.70 27.33 -7.58
CA GLU A 279 -20.53 28.61 -6.91
C GLU A 279 -19.13 28.90 -6.38
N VAL A 280 -18.57 27.95 -5.65
CA VAL A 280 -17.24 28.10 -5.06
C VAL A 280 -16.12 28.25 -6.09
N TRP A 281 -16.30 27.68 -7.27
CA TRP A 281 -15.28 27.78 -8.31
C TRP A 281 -15.47 29.02 -9.17
N VAL A 282 -16.72 29.36 -9.49
CA VAL A 282 -16.99 30.55 -10.29
C VAL A 282 -16.59 31.80 -9.52
N GLU A 283 -16.70 31.72 -8.20
CA GLU A 283 -16.36 32.86 -7.35
C GLU A 283 -14.90 33.27 -7.47
N MET A 284 -14.00 32.29 -7.44
CA MET A 284 -12.57 32.58 -7.54
C MET A 284 -12.01 32.46 -8.94
N PHE A 285 -12.82 31.95 -9.86
CA PHE A 285 -12.42 31.78 -11.26
C PHE A 285 -13.59 32.22 -12.14
N PRO A 286 -14.06 33.46 -11.95
CA PRO A 286 -15.20 34.00 -12.72
C PRO A 286 -14.98 34.01 -14.22
N PHE A 287 -13.75 34.28 -14.65
CA PHE A 287 -13.40 34.31 -16.07
C PHE A 287 -13.58 32.95 -16.77
N LEU A 288 -13.81 31.90 -15.98
CA LEU A 288 -14.00 30.56 -16.54
C LEU A 288 -15.42 30.02 -16.35
N GLU A 289 -16.35 30.89 -15.97
CA GLU A 289 -17.73 30.47 -15.73
C GLU A 289 -18.33 29.62 -16.85
N PRO A 290 -18.14 30.04 -18.11
CA PRO A 290 -18.71 29.27 -19.23
C PRO A 290 -18.27 27.80 -19.21
N CYS A 291 -16.98 27.56 -18.94
CA CYS A 291 -16.44 26.21 -18.90
C CYS A 291 -16.83 25.50 -17.61
N LEU A 292 -16.81 26.24 -16.51
CA LEU A 292 -17.14 25.70 -15.20
C LEU A 292 -18.60 25.23 -15.21
N ILE A 293 -19.46 26.00 -15.86
CA ILE A 293 -20.87 25.64 -15.96
C ILE A 293 -21.01 24.26 -16.60
N GLU A 294 -20.17 23.99 -17.60
CA GLU A 294 -20.19 22.70 -18.29
C GLU A 294 -19.61 21.61 -17.38
N ALA A 295 -18.56 21.95 -16.65
CA ALA A 295 -17.90 20.99 -15.76
C ALA A 295 -18.85 20.56 -14.64
N ALA A 296 -19.77 21.45 -14.28
CA ALA A 296 -20.72 21.17 -13.21
C ALA A 296 -21.77 20.13 -13.61
N LYS A 297 -21.86 19.87 -14.91
CA LYS A 297 -22.83 18.90 -15.41
C LYS A 297 -22.27 17.48 -15.42
N LEU A 298 -20.96 17.36 -15.27
CA LEU A 298 -20.30 16.06 -15.25
C LEU A 298 -20.56 15.38 -13.91
N LYS A 299 -21.49 14.43 -13.91
CA LYS A 299 -21.87 13.73 -12.69
C LYS A 299 -20.90 12.65 -12.23
N THR A 300 -19.94 12.30 -13.08
CA THR A 300 -18.97 11.28 -12.74
C THR A 300 -17.62 11.84 -12.31
N ALA A 301 -17.52 13.15 -12.20
CA ALA A 301 -16.28 13.79 -11.79
C ALA A 301 -15.84 13.16 -10.47
N ARG A 302 -14.54 13.07 -10.24
CA ARG A 302 -14.06 12.49 -9.00
C ARG A 302 -12.91 13.26 -8.40
N TYR A 303 -12.84 13.24 -7.07
CA TYR A 303 -11.77 13.92 -6.36
C TYR A 303 -10.74 12.85 -6.06
N ASP A 304 -9.65 12.87 -6.82
CA ASP A 304 -8.59 11.89 -6.67
C ASP A 304 -7.39 12.38 -5.90
N LYS A 305 -6.84 11.50 -5.07
CA LYS A 305 -5.64 11.79 -4.32
C LYS A 305 -4.61 10.94 -5.02
N TYR A 306 -3.36 10.99 -4.58
CA TYR A 306 -2.35 10.17 -5.25
C TYR A 306 -1.30 9.71 -4.26
N GLU A 307 -0.46 8.77 -4.71
CA GLU A 307 0.62 8.28 -3.87
C GLU A 307 1.89 8.19 -4.69
N THR A 308 3.03 8.18 -4.00
CA THR A 308 4.32 8.08 -4.66
C THR A 308 4.96 6.78 -4.21
N THR A 309 5.83 6.24 -5.06
CA THR A 309 6.49 4.97 -4.79
C THR A 309 7.97 4.95 -5.19
N LYS A 310 8.82 4.56 -4.26
CA LYS A 310 10.24 4.41 -4.58
C LYS A 310 10.66 3.04 -4.07
N LEU A 311 11.19 2.23 -4.97
CA LEU A 311 11.61 0.87 -4.62
C LEU A 311 13.13 0.72 -4.59
N ASP A 312 13.60 -0.26 -3.83
CA ASP A 312 15.04 -0.52 -3.74
C ASP A 312 15.53 -1.08 -5.07
N SER A 313 14.60 -1.64 -5.85
CA SER A 313 14.94 -2.24 -7.14
C SER A 313 13.70 -2.36 -8.02
N TRP A 314 13.91 -2.48 -9.32
CA TRP A 314 12.81 -2.60 -10.27
C TRP A 314 12.80 -3.98 -10.93
N THR A 315 13.73 -4.83 -10.55
CA THR A 315 13.81 -6.14 -11.19
C THR A 315 14.06 -7.28 -10.23
N ARG A 316 13.68 -8.47 -10.67
CA ARG A 316 13.87 -9.69 -9.91
C ARG A 316 13.78 -10.81 -10.94
N GLY A 317 14.92 -11.40 -11.26
CA GLY A 317 14.95 -12.46 -12.24
C GLY A 317 14.48 -11.95 -13.59
N LYS A 318 13.47 -12.61 -14.15
CA LYS A 318 12.94 -12.23 -15.46
C LYS A 318 11.76 -11.28 -15.32
N VAL A 319 11.60 -10.70 -14.14
CA VAL A 319 10.51 -9.77 -13.88
C VAL A 319 11.00 -8.32 -13.77
N ALA A 320 10.34 -7.44 -14.53
CA ALA A 320 10.68 -6.03 -14.53
C ALA A 320 9.44 -5.17 -14.23
N LEU A 321 9.58 -4.26 -13.28
CA LEU A 321 8.49 -3.35 -12.91
C LEU A 321 8.66 -2.04 -13.66
N VAL A 322 7.59 -1.55 -14.28
CA VAL A 322 7.65 -0.29 -15.01
C VAL A 322 6.44 0.60 -14.69
N GLY A 323 6.59 1.90 -14.93
CA GLY A 323 5.50 2.82 -14.66
C GLY A 323 5.24 3.05 -13.19
N ASP A 324 3.99 3.37 -12.87
CA ASP A 324 3.57 3.65 -11.50
C ASP A 324 3.91 2.51 -10.51
N ALA A 325 3.83 1.28 -10.98
CA ALA A 325 4.13 0.12 -10.14
C ALA A 325 5.53 0.23 -9.55
N ALA A 326 6.42 0.91 -10.27
CA ALA A 326 7.79 1.05 -9.82
C ALA A 326 8.17 2.43 -9.30
N HIS A 327 7.61 3.47 -9.90
CA HIS A 327 8.00 4.81 -9.51
C HIS A 327 6.94 5.92 -9.53
N ALA A 328 5.73 5.62 -9.09
CA ALA A 328 4.69 6.65 -9.04
C ALA A 328 5.31 7.87 -8.35
N MET A 329 5.04 9.07 -8.87
CA MET A 329 5.61 10.28 -8.28
C MET A 329 4.62 11.43 -8.19
N CYS A 330 5.06 12.55 -7.63
CA CYS A 330 4.21 13.73 -7.53
C CYS A 330 4.06 14.31 -8.94
N PRO A 331 2.86 14.80 -9.28
CA PRO A 331 2.55 15.38 -10.59
C PRO A 331 3.12 16.75 -10.95
N ALA A 332 3.82 17.39 -10.03
CA ALA A 332 4.38 18.72 -10.29
C ALA A 332 5.06 18.90 -11.64
N LEU A 333 5.98 18.01 -11.97
CA LEU A 333 6.71 18.11 -13.23
C LEU A 333 6.05 17.45 -14.43
N ALA A 334 4.84 16.91 -14.25
CA ALA A 334 4.11 16.26 -15.33
C ALA A 334 5.00 15.28 -16.07
N GLN A 335 5.64 14.39 -15.31
CA GLN A 335 6.54 13.39 -15.86
C GLN A 335 6.20 11.97 -15.46
N GLY A 336 5.08 11.78 -14.79
CA GLY A 336 4.70 10.44 -14.37
C GLY A 336 4.68 9.46 -15.53
N ALA A 337 3.89 9.78 -16.56
CA ALA A 337 3.78 8.91 -17.73
C ALA A 337 5.02 9.03 -18.62
N GLY A 338 5.61 10.22 -18.64
CA GLY A 338 6.79 10.45 -19.44
C GLY A 338 7.88 9.48 -19.08
N CYS A 339 8.21 9.42 -17.80
CA CYS A 339 9.24 8.51 -17.34
C CYS A 339 8.81 7.06 -17.53
N ALA A 340 7.54 6.77 -17.30
CA ALA A 340 7.02 5.42 -17.46
C ALA A 340 7.25 4.93 -18.88
N MET A 341 6.88 5.77 -19.85
CA MET A 341 7.05 5.41 -21.25
C MET A 341 8.54 5.31 -21.60
N VAL A 342 9.35 6.24 -21.11
CA VAL A 342 10.78 6.21 -21.38
C VAL A 342 11.35 4.89 -20.85
N ASN A 343 11.04 4.57 -19.60
CA ASN A 343 11.53 3.34 -18.99
C ASN A 343 11.06 2.08 -19.69
N ALA A 344 9.78 2.03 -20.05
CA ALA A 344 9.25 0.84 -20.73
C ALA A 344 9.92 0.68 -22.09
N PHE A 345 10.14 1.79 -22.79
CA PHE A 345 10.78 1.73 -24.09
C PHE A 345 12.24 1.34 -23.95
N SER A 346 12.89 1.91 -22.94
CA SER A 346 14.30 1.61 -22.69
C SER A 346 14.53 0.14 -22.36
N LEU A 347 13.55 -0.46 -21.71
CA LEU A 347 13.64 -1.87 -21.34
C LEU A 347 13.80 -2.72 -22.59
N SER A 348 13.07 -2.39 -23.66
CA SER A 348 13.18 -3.16 -24.89
C SER A 348 14.56 -3.00 -25.52
N GLN A 349 15.15 -1.81 -25.37
CA GLN A 349 16.49 -1.59 -25.94
C GLN A 349 17.53 -2.48 -25.29
N ASP A 350 17.51 -2.54 -23.96
CA ASP A 350 18.47 -3.35 -23.23
C ASP A 350 18.33 -4.84 -23.49
N LEU A 351 17.14 -5.25 -23.93
CA LEU A 351 16.88 -6.65 -24.22
C LEU A 351 17.37 -7.02 -25.63
N GLU A 352 18.05 -6.07 -26.27
CA GLU A 352 18.57 -6.30 -27.62
C GLU A 352 20.09 -6.38 -27.62
N GLU A 353 20.70 -6.56 -26.45
CA GLU A 353 22.16 -6.60 -26.35
C GLU A 353 22.81 -7.98 -26.47
N GLY A 354 21.99 -9.02 -26.55
CA GLY A 354 22.54 -10.36 -26.68
C GLY A 354 22.83 -11.04 -25.35
N SER A 355 22.45 -10.41 -24.25
CA SER A 355 22.68 -11.00 -22.95
C SER A 355 21.40 -11.65 -22.44
N SER A 356 21.50 -12.32 -21.30
CA SER A 356 20.35 -12.98 -20.70
C SER A 356 19.34 -11.92 -20.26
N VAL A 357 18.07 -12.31 -20.19
CA VAL A 357 17.04 -11.39 -19.75
C VAL A 357 17.37 -10.85 -18.36
N GLU A 358 17.87 -11.73 -17.48
CA GLU A 358 18.21 -11.31 -16.13
C GLU A 358 19.25 -10.21 -16.08
N ASP A 359 20.33 -10.36 -16.84
CA ASP A 359 21.37 -9.34 -16.85
C ASP A 359 20.90 -8.09 -17.58
N ALA A 360 20.11 -8.27 -18.63
CA ALA A 360 19.58 -7.14 -19.38
C ALA A 360 18.75 -6.25 -18.47
N LEU A 361 17.94 -6.89 -17.61
CA LEU A 361 17.09 -6.13 -16.69
C LEU A 361 17.89 -5.31 -15.69
N VAL A 362 18.94 -5.88 -15.10
CA VAL A 362 19.71 -5.10 -14.14
C VAL A 362 20.47 -4.00 -14.89
N ALA A 363 20.88 -4.29 -16.11
CA ALA A 363 21.59 -3.31 -16.93
C ALA A 363 20.63 -2.15 -17.24
N TRP A 364 19.37 -2.50 -17.50
CA TRP A 364 18.34 -1.52 -17.80
C TRP A 364 18.12 -0.57 -16.63
N GLU A 365 17.92 -1.12 -15.43
CA GLU A 365 17.69 -0.28 -14.27
C GLU A 365 18.89 0.63 -14.02
N THR A 366 20.08 0.06 -14.02
CA THR A 366 21.29 0.83 -13.78
C THR A 366 21.44 2.00 -14.75
N ARG A 367 21.12 1.75 -16.01
CA ARG A 367 21.25 2.78 -17.04
C ARG A 367 20.22 3.90 -16.99
N ILE A 368 18.95 3.52 -16.92
CA ILE A 368 17.86 4.47 -16.97
C ILE A 368 17.27 5.00 -15.67
N ARG A 369 17.32 4.21 -14.61
CA ARG A 369 16.72 4.63 -13.34
C ARG A 369 17.06 6.01 -12.77
N PRO A 370 18.35 6.41 -12.78
CA PRO A 370 18.73 7.71 -12.24
C PRO A 370 17.88 8.89 -12.74
N ILE A 371 17.55 8.89 -14.03
CA ILE A 371 16.74 9.97 -14.58
C ILE A 371 15.40 10.07 -13.86
N THR A 372 14.77 8.92 -13.59
CA THR A 372 13.49 8.91 -12.88
C THR A 372 13.62 9.28 -11.40
N ASP A 373 14.66 8.79 -10.74
CA ASP A 373 14.85 9.10 -9.32
C ASP A 373 14.98 10.61 -9.09
N ARG A 374 15.82 11.26 -9.90
CA ARG A 374 16.01 12.70 -9.75
C ARG A 374 14.74 13.47 -10.08
N CYS A 375 14.06 13.06 -11.15
CA CYS A 375 12.83 13.73 -11.54
C CYS A 375 11.79 13.59 -10.42
N GLN A 376 11.64 12.38 -9.91
CA GLN A 376 10.70 12.12 -8.83
C GLN A 376 11.05 12.91 -7.57
N ALA A 377 12.34 13.01 -7.25
CA ALA A 377 12.77 13.75 -6.07
C ALA A 377 12.50 15.24 -6.23
N LEU A 378 12.85 15.78 -7.40
CA LEU A 378 12.63 17.20 -7.63
C LEU A 378 11.15 17.55 -7.65
N SER A 379 10.34 16.71 -8.29
CA SER A 379 8.91 16.96 -8.35
C SER A 379 8.32 16.95 -6.94
N GLY A 380 8.84 16.08 -6.08
CA GLY A 380 8.37 16.00 -4.71
C GLY A 380 8.69 17.29 -3.97
N ASP A 381 9.88 17.83 -4.22
CA ASP A 381 10.30 19.07 -3.58
C ASP A 381 9.42 20.24 -4.03
N TYR A 382 9.10 20.26 -5.32
CA TYR A 382 8.27 21.31 -5.87
C TYR A 382 6.89 21.26 -5.24
N ALA A 383 6.34 20.05 -5.12
CA ALA A 383 5.02 19.88 -4.53
C ALA A 383 4.99 20.36 -3.08
N ALA A 384 5.92 19.86 -2.27
CA ALA A 384 5.99 20.23 -0.86
C ALA A 384 6.18 21.72 -0.61
N ASN A 385 6.97 22.37 -1.45
CA ASN A 385 7.21 23.80 -1.28
C ASN A 385 6.31 24.63 -2.21
N ARG A 386 5.41 23.96 -2.91
CA ARG A 386 4.50 24.63 -3.84
C ARG A 386 5.25 25.59 -4.76
N SER A 387 6.45 25.18 -5.16
CA SER A 387 7.32 25.99 -6.02
C SER A 387 6.69 26.49 -7.32
N LEU A 388 5.80 25.72 -7.91
CA LEU A 388 5.18 26.13 -9.17
C LEU A 388 4.36 27.42 -9.07
N SER A 389 3.86 27.73 -7.87
CA SER A 389 3.05 28.93 -7.67
C SER A 389 3.87 30.21 -7.88
N LYS A 390 5.19 30.08 -7.89
CA LYS A 390 6.06 31.24 -8.09
C LYS A 390 6.28 31.50 -9.57
N GLY A 391 6.13 30.47 -10.39
CA GLY A 391 6.33 30.63 -11.83
C GLY A 391 7.80 30.53 -12.18
N ASN A 392 8.10 30.44 -13.47
CA ASN A 392 9.48 30.34 -13.95
C ASN A 392 10.22 29.23 -13.22
N MET A 393 9.52 28.15 -12.90
CA MET A 393 10.15 27.05 -12.18
C MET A 393 10.57 25.88 -13.05
N PHE A 394 10.33 25.96 -14.36
CA PHE A 394 10.75 24.89 -15.23
C PHE A 394 12.18 25.22 -15.65
N THR A 395 13.08 25.04 -14.69
CA THR A 395 14.49 25.29 -14.84
C THR A 395 15.16 24.14 -15.58
N PRO A 396 16.46 24.28 -15.88
CA PRO A 396 17.18 23.21 -16.58
C PRO A 396 17.09 21.91 -15.81
N ALA A 397 17.24 21.99 -14.49
CA ALA A 397 17.17 20.81 -13.63
C ALA A 397 15.78 20.19 -13.69
N ALA A 398 14.75 21.02 -13.64
CA ALA A 398 13.38 20.52 -13.67
C ALA A 398 13.06 19.83 -15.00
N LEU A 399 13.58 20.40 -16.08
CA LEU A 399 13.34 19.86 -17.42
C LEU A 399 14.28 18.72 -17.83
N GLU A 400 15.08 18.24 -16.90
CA GLU A 400 16.03 17.17 -17.18
C GLU A 400 15.39 15.96 -17.84
N ALA A 401 14.35 15.41 -17.21
CA ALA A 401 13.68 14.24 -17.78
C ALA A 401 13.09 14.57 -19.14
N ALA A 402 12.48 15.74 -19.26
CA ALA A 402 11.87 16.16 -20.51
C ALA A 402 12.91 16.28 -21.63
N ARG A 403 14.12 16.72 -21.28
CA ARG A 403 15.20 16.89 -22.26
C ARG A 403 15.75 15.58 -22.80
N TYR A 404 15.61 14.52 -22.02
CA TYR A 404 16.12 13.23 -22.43
C TYR A 404 15.46 12.64 -23.65
N ASP A 405 16.29 12.20 -24.59
CA ASP A 405 15.82 11.57 -25.83
C ASP A 405 16.19 10.09 -25.77
N PRO A 406 15.19 9.24 -25.49
CA PRO A 406 15.38 7.79 -25.39
C PRO A 406 15.83 7.13 -26.69
N LEU A 407 15.47 7.72 -27.82
CA LEU A 407 15.85 7.13 -29.10
C LEU A 407 17.35 7.18 -29.36
N ARG A 408 17.95 8.34 -29.11
CA ARG A 408 19.39 8.50 -29.31
C ARG A 408 20.13 8.35 -27.99
N ARG A 409 19.36 8.28 -26.89
CA ARG A 409 19.94 8.11 -25.57
C ARG A 409 20.92 9.23 -25.21
N VAL A 410 20.45 10.46 -25.43
CA VAL A 410 21.24 11.65 -25.16
C VAL A 410 20.28 12.75 -24.72
N TYR A 411 20.82 13.82 -24.14
CA TYR A 411 19.98 14.93 -23.72
C TYR A 411 19.95 15.99 -24.80
N SER A 412 18.75 16.41 -25.20
CA SER A 412 18.59 17.39 -26.27
C SER A 412 17.98 18.69 -25.75
N TRP A 413 17.57 19.56 -26.67
CA TRP A 413 16.96 20.84 -26.35
C TRP A 413 17.54 21.48 -25.10
N PRO A 414 18.81 21.90 -25.16
CA PRO A 414 19.48 22.53 -24.02
C PRO A 414 18.80 23.81 -23.53
N GLN A 415 18.88 24.04 -22.23
CA GLN A 415 18.28 25.21 -21.63
C GLN A 415 19.38 26.20 -21.23
N THR B 47 -16.30 16.39 29.57
CA THR B 47 -15.95 14.98 29.20
C THR B 47 -15.24 14.94 27.85
N ARG B 48 -14.20 14.12 27.77
CA ARG B 48 -13.43 13.98 26.53
C ARG B 48 -14.07 12.95 25.60
N ARG B 49 -14.06 13.24 24.31
CA ARG B 49 -14.65 12.35 23.30
C ARG B 49 -13.59 11.72 22.42
N ALA B 50 -13.70 10.42 22.19
CA ALA B 50 -12.75 9.72 21.35
C ALA B 50 -13.44 8.88 20.29
N GLU B 51 -12.88 8.91 19.08
CA GLU B 51 -13.41 8.12 17.98
C GLU B 51 -12.31 7.13 17.59
N VAL B 52 -12.62 5.85 17.66
CA VAL B 52 -11.65 4.81 17.31
C VAL B 52 -12.08 4.11 16.02
N ALA B 53 -11.21 4.14 15.01
CA ALA B 53 -11.51 3.48 13.74
C ALA B 53 -10.82 2.12 13.71
N GLY B 54 -11.62 1.04 13.71
CA GLY B 54 -11.08 -0.29 13.67
C GLY B 54 -11.49 -1.13 14.87
N GLY B 55 -12.06 -2.30 14.60
CA GLY B 55 -12.49 -3.18 15.68
C GLY B 55 -11.56 -4.36 15.92
N GLY B 56 -10.27 -4.18 15.65
CA GLY B 56 -9.31 -5.24 15.88
C GLY B 56 -8.81 -5.24 17.31
N PHE B 57 -7.72 -5.94 17.58
CA PHE B 57 -7.19 -5.98 18.94
C PHE B 57 -6.70 -4.61 19.41
N ALA B 58 -6.21 -3.80 18.48
CA ALA B 58 -5.72 -2.47 18.81
C ALA B 58 -6.87 -1.53 19.13
N GLY B 59 -7.88 -1.55 18.26
CA GLY B 59 -9.04 -0.70 18.47
C GLY B 59 -9.77 -1.01 19.76
N LEU B 60 -10.02 -2.29 20.01
CA LEU B 60 -10.72 -2.67 21.25
C LEU B 60 -9.90 -2.31 22.47
N THR B 61 -8.58 -2.52 22.41
CA THR B 61 -7.73 -2.19 23.54
C THR B 61 -7.75 -0.68 23.79
N ALA B 62 -7.59 0.11 22.73
CA ALA B 62 -7.61 1.57 22.88
C ALA B 62 -8.93 2.02 23.50
N ALA B 63 -10.01 1.53 22.92
CA ALA B 63 -11.36 1.87 23.37
C ALA B 63 -11.57 1.60 24.84
N ILE B 64 -11.25 0.38 25.26
CA ILE B 64 -11.41 -0.01 26.65
C ILE B 64 -10.56 0.83 27.60
N ALA B 65 -9.28 1.00 27.27
CA ALA B 65 -8.39 1.79 28.13
C ALA B 65 -8.88 3.23 28.30
N LEU B 66 -9.32 3.85 27.22
CA LEU B 66 -9.82 5.22 27.27
C LEU B 66 -11.12 5.29 28.07
N LYS B 67 -12.02 4.33 27.84
CA LYS B 67 -13.29 4.30 28.55
C LYS B 67 -13.08 4.15 30.06
N GLN B 68 -12.04 3.41 30.43
CA GLN B 68 -11.75 3.20 31.84
C GLN B 68 -11.29 4.50 32.50
N ASN B 69 -10.75 5.42 31.70
CA ASN B 69 -10.28 6.70 32.23
C ASN B 69 -11.32 7.81 32.13
N GLY B 70 -12.57 7.45 31.81
CA GLY B 70 -13.62 8.45 31.74
C GLY B 70 -13.90 9.10 30.39
N TRP B 71 -13.30 8.58 29.33
CA TRP B 71 -13.53 9.13 28.00
C TRP B 71 -14.85 8.61 27.45
N ASP B 72 -15.51 9.41 26.62
CA ASP B 72 -16.72 8.94 25.96
C ASP B 72 -16.11 8.40 24.68
N VAL B 73 -16.23 7.10 24.46
CA VAL B 73 -15.62 6.49 23.29
C VAL B 73 -16.57 5.77 22.35
N ARG B 74 -16.35 5.98 21.07
CA ARG B 74 -17.14 5.31 20.04
C ARG B 74 -16.15 4.57 19.15
N LEU B 75 -16.44 3.30 18.88
CA LEU B 75 -15.57 2.50 18.03
C LEU B 75 -16.31 2.09 16.76
N HIS B 76 -15.65 2.29 15.62
CA HIS B 76 -16.21 1.96 14.33
C HIS B 76 -15.56 0.72 13.71
N GLU B 77 -16.39 -0.22 13.27
CA GLU B 77 -15.92 -1.44 12.63
C GLU B 77 -16.60 -1.51 11.26
N LYS B 78 -15.81 -1.49 10.20
CA LYS B 78 -16.38 -1.52 8.85
C LYS B 78 -17.15 -2.80 8.54
N SER B 79 -16.74 -3.91 9.13
CA SER B 79 -17.42 -5.18 8.91
C SER B 79 -18.83 -5.15 9.48
N SER B 80 -19.69 -6.04 8.99
CA SER B 80 -21.07 -6.11 9.46
C SER B 80 -21.15 -6.72 10.86
N GLU B 81 -20.04 -7.30 11.30
CA GLU B 81 -19.99 -7.90 12.63
C GLU B 81 -18.57 -7.88 13.20
N LEU B 82 -18.48 -7.99 14.51
CA LEU B 82 -17.19 -7.98 15.19
C LEU B 82 -16.58 -9.38 15.23
N ARG B 83 -15.41 -9.54 14.63
CA ARG B 83 -14.73 -10.82 14.63
C ARG B 83 -13.25 -10.67 14.28
N ALA B 84 -12.47 -11.67 14.66
CA ALA B 84 -11.05 -11.66 14.40
C ALA B 84 -10.66 -12.83 13.50
N PHE B 85 -9.74 -12.58 12.57
CA PHE B 85 -9.28 -13.63 11.67
C PHE B 85 -7.83 -13.95 11.98
N GLY B 86 -7.39 -15.14 11.57
CA GLY B 86 -6.02 -15.56 11.82
C GLY B 86 -5.94 -16.84 12.63
N ALA B 87 -7.09 -17.46 12.87
CA ALA B 87 -7.18 -18.71 13.62
C ALA B 87 -6.72 -18.64 15.07
N GLY B 88 -5.41 -18.63 15.28
CA GLY B 88 -4.89 -18.59 16.64
C GLY B 88 -3.91 -17.47 16.88
N ILE B 89 -3.52 -17.28 18.14
CA ILE B 89 -2.60 -16.22 18.49
C ILE B 89 -1.86 -16.46 19.80
N TYR B 90 -0.60 -16.04 19.83
CA TYR B 90 0.27 -16.15 20.99
C TYR B 90 0.32 -14.81 21.71
N LEU B 91 0.24 -14.86 23.03
CA LEU B 91 0.30 -13.66 23.86
C LEU B 91 1.42 -13.90 24.89
N TRP B 92 2.13 -12.85 25.26
CA TRP B 92 3.20 -12.97 26.23
C TRP B 92 2.93 -12.04 27.41
N HIS B 93 3.84 -12.06 28.37
CA HIS B 93 3.75 -11.22 29.56
C HIS B 93 3.29 -9.80 29.26
N ASN B 94 3.90 -9.15 28.27
CA ASN B 94 3.50 -7.77 27.96
C ASN B 94 2.02 -7.66 27.59
N GLY B 95 1.53 -8.52 26.70
CA GLY B 95 0.13 -8.48 26.32
C GLY B 95 -0.80 -8.92 27.43
N LEU B 96 -0.38 -9.94 28.17
CA LEU B 96 -1.20 -10.44 29.29
C LEU B 96 -1.36 -9.36 30.34
N ARG B 97 -0.35 -8.50 30.47
CA ARG B 97 -0.41 -7.41 31.42
C ARG B 97 -1.43 -6.38 30.94
N VAL B 98 -1.44 -6.13 29.64
CA VAL B 98 -2.41 -5.18 29.10
C VAL B 98 -3.81 -5.71 29.43
N LEU B 99 -4.04 -6.99 29.20
CA LEU B 99 -5.34 -7.60 29.50
C LEU B 99 -5.71 -7.39 30.96
N GLU B 100 -4.72 -7.43 31.85
CA GLU B 100 -4.96 -7.22 33.26
C GLU B 100 -5.40 -5.77 33.46
N GLY B 101 -4.66 -4.86 32.84
CA GLY B 101 -4.96 -3.45 32.95
C GLY B 101 -6.32 -3.11 32.34
N LEU B 102 -6.78 -3.96 31.42
CA LEU B 102 -8.07 -3.76 30.76
C LEU B 102 -9.19 -4.49 31.49
N GLY B 103 -8.83 -5.25 32.52
CA GLY B 103 -9.84 -6.01 33.24
C GLY B 103 -10.43 -7.10 32.36
N ALA B 104 -9.60 -7.64 31.47
CA ALA B 104 -10.04 -8.69 30.55
C ALA B 104 -9.16 -9.93 30.62
N LEU B 105 -8.29 -10.01 31.63
CA LEU B 105 -7.39 -11.15 31.75
C LEU B 105 -8.09 -12.45 32.13
N ASP B 106 -9.02 -12.39 33.08
CA ASP B 106 -9.72 -13.58 33.53
C ASP B 106 -10.41 -14.38 32.44
N ASP B 107 -11.10 -13.69 31.53
CA ASP B 107 -11.80 -14.40 30.47
C ASP B 107 -10.85 -14.97 29.43
N VAL B 108 -9.65 -14.40 29.32
CA VAL B 108 -8.69 -14.92 28.36
C VAL B 108 -8.04 -16.17 28.92
N LEU B 109 -7.55 -16.10 30.16
CA LEU B 109 -6.91 -17.24 30.80
C LEU B 109 -7.83 -18.46 30.88
N GLN B 110 -9.08 -18.25 31.26
CA GLN B 110 -10.03 -19.36 31.31
C GLN B 110 -10.28 -19.77 29.86
N GLY B 111 -9.83 -20.96 29.47
CA GLY B 111 -10.05 -21.39 28.10
C GLY B 111 -8.87 -21.22 27.15
N SER B 112 -7.72 -20.81 27.67
CA SER B 112 -6.54 -20.66 26.84
C SER B 112 -5.46 -21.60 27.37
N HIS B 113 -4.31 -21.65 26.73
CA HIS B 113 -3.29 -22.62 27.12
C HIS B 113 -1.84 -22.13 27.22
N THR B 114 -1.11 -22.66 28.20
CA THR B 114 0.32 -22.35 28.34
C THR B 114 1.03 -23.69 28.21
N PRO B 115 1.65 -23.95 27.06
CA PRO B 115 2.36 -25.22 26.84
C PRO B 115 3.47 -25.42 27.89
N PRO B 116 3.78 -26.69 28.23
CA PRO B 116 4.83 -26.95 29.21
C PRO B 116 6.15 -26.35 28.71
N THR B 117 6.34 -26.39 27.39
CA THR B 117 7.55 -25.83 26.80
C THR B 117 7.35 -25.41 25.35
N TYR B 118 8.27 -24.59 24.86
CA TYR B 118 8.24 -24.12 23.48
C TYR B 118 9.38 -24.90 22.85
N GLU B 119 9.01 -25.89 22.04
CA GLU B 119 9.99 -26.78 21.41
C GLU B 119 10.18 -26.52 19.93
N THR B 120 11.40 -26.73 19.46
CA THR B 120 11.73 -26.53 18.05
C THR B 120 12.28 -27.82 17.46
N TRP B 121 11.82 -28.15 16.26
CA TRP B 121 12.28 -29.34 15.55
C TRP B 121 12.87 -28.93 14.23
N MET B 122 13.90 -29.66 13.81
CA MET B 122 14.52 -29.43 12.51
C MET B 122 14.58 -30.83 11.92
N HIS B 123 13.81 -31.06 10.86
CA HIS B 123 13.77 -32.37 10.22
C HIS B 123 13.41 -33.46 11.22
N ASN B 124 12.43 -33.14 12.07
CA ASN B 124 11.91 -34.06 13.07
C ASN B 124 12.84 -34.31 14.25
N LYS B 125 13.95 -33.59 14.32
CA LYS B 125 14.87 -33.72 15.43
C LYS B 125 14.66 -32.52 16.36
N SER B 126 14.38 -32.79 17.63
CA SER B 126 14.18 -31.70 18.59
C SER B 126 15.51 -30.99 18.79
N VAL B 127 15.56 -29.69 18.54
CA VAL B 127 16.80 -28.94 18.71
C VAL B 127 16.79 -28.01 19.90
N SER B 128 15.63 -27.84 20.54
CA SER B 128 15.54 -27.00 21.71
C SER B 128 14.16 -27.00 22.38
N LYS B 129 14.18 -26.70 23.67
CA LYS B 129 12.98 -26.61 24.50
C LYS B 129 13.21 -25.40 25.38
N GLU B 130 12.42 -24.35 25.19
CA GLU B 130 12.58 -23.12 25.95
C GLU B 130 11.36 -22.80 26.80
N THR B 131 11.60 -22.25 27.99
CA THR B 131 10.52 -21.88 28.91
C THR B 131 10.64 -20.43 29.37
N PHE B 132 11.63 -19.73 28.81
CA PHE B 132 11.83 -18.31 29.08
C PHE B 132 11.99 -17.87 30.53
N ASN B 133 12.56 -18.72 31.38
CA ASN B 133 12.75 -18.38 32.78
C ASN B 133 11.50 -17.84 33.47
N GLY B 134 10.38 -18.52 33.30
CA GLY B 134 9.16 -18.10 33.95
C GLY B 134 8.34 -16.99 33.31
N LEU B 135 8.88 -16.39 32.25
CA LEU B 135 8.16 -15.33 31.55
C LEU B 135 6.80 -15.87 31.12
N PRO B 136 5.71 -15.24 31.59
CA PRO B 136 4.35 -15.66 31.26
C PRO B 136 4.01 -15.58 29.77
N TRP B 137 3.34 -16.60 29.26
CA TRP B 137 2.92 -16.60 27.87
C TRP B 137 1.64 -17.41 27.72
N ARG B 138 0.98 -17.31 26.58
CA ARG B 138 -0.30 -18.00 26.40
C ARG B 138 -0.67 -18.15 24.93
N ILE B 139 -1.38 -19.22 24.62
CA ILE B 139 -1.84 -19.45 23.24
C ILE B 139 -3.36 -19.55 23.30
N MET B 140 -4.05 -18.98 22.32
CA MET B 140 -5.51 -19.02 22.29
C MET B 140 -6.00 -18.81 20.86
N THR B 141 -7.28 -19.10 20.61
CA THR B 141 -7.82 -18.87 19.27
C THR B 141 -8.05 -17.37 19.22
N ARG B 142 -8.04 -16.80 18.01
CA ARG B 142 -8.26 -15.36 17.90
C ARG B 142 -9.64 -14.97 18.41
N SER B 143 -10.63 -15.83 18.22
CA SER B 143 -11.99 -15.54 18.68
C SER B 143 -12.05 -15.47 20.19
N HIS B 144 -11.28 -16.32 20.87
CA HIS B 144 -11.26 -16.31 22.32
C HIS B 144 -10.79 -14.96 22.86
N LEU B 145 -9.74 -14.41 22.26
CA LEU B 145 -9.20 -13.12 22.71
C LEU B 145 -10.16 -12.01 22.31
N HIS B 146 -10.64 -12.07 21.07
CA HIS B 146 -11.56 -11.07 20.56
C HIS B 146 -12.80 -10.96 21.47
N ASP B 147 -13.41 -12.09 21.80
CA ASP B 147 -14.60 -12.09 22.64
C ASP B 147 -14.35 -11.47 24.00
N ALA B 148 -13.20 -11.79 24.60
CA ALA B 148 -12.86 -11.24 25.91
C ALA B 148 -12.84 -9.72 25.83
N LEU B 149 -12.25 -9.20 24.76
CA LEU B 149 -12.15 -7.75 24.55
C LEU B 149 -13.50 -7.11 24.21
N VAL B 150 -14.31 -7.78 23.38
CA VAL B 150 -15.60 -7.23 23.02
C VAL B 150 -16.53 -7.20 24.25
N ASN B 151 -16.52 -8.27 25.04
CA ASN B 151 -17.37 -8.32 26.22
C ASN B 151 -17.00 -7.24 27.23
N ARG B 152 -15.70 -7.01 27.41
CA ARG B 152 -15.23 -6.00 28.34
C ARG B 152 -15.64 -4.61 27.86
N ALA B 153 -15.47 -4.36 26.56
CA ALA B 153 -15.83 -3.06 25.99
C ALA B 153 -17.30 -2.74 26.23
N ARG B 154 -18.17 -3.71 25.96
CA ARG B 154 -19.60 -3.52 26.14
C ARG B 154 -19.95 -3.33 27.60
N ALA B 155 -19.27 -4.07 28.48
CA ALA B 155 -19.51 -3.95 29.90
C ALA B 155 -19.23 -2.51 30.35
N LEU B 156 -18.22 -1.88 29.75
CA LEU B 156 -17.87 -0.50 30.10
C LEU B 156 -18.79 0.51 29.44
N GLY B 157 -19.59 0.04 28.50
CA GLY B 157 -20.50 0.94 27.81
C GLY B 157 -19.83 1.66 26.65
N VAL B 158 -18.84 1.03 26.03
CA VAL B 158 -18.18 1.63 24.88
C VAL B 158 -19.19 1.55 23.74
N ASP B 159 -19.33 2.63 22.99
CA ASP B 159 -20.28 2.63 21.87
C ASP B 159 -19.65 1.96 20.65
N ILE B 160 -20.20 0.82 20.26
CA ILE B 160 -19.70 0.09 19.10
C ILE B 160 -20.64 0.16 17.90
N SER B 161 -20.12 0.63 16.77
CA SER B 161 -20.91 0.71 15.55
C SER B 161 -20.33 -0.18 14.47
N VAL B 162 -21.12 -1.13 13.99
CA VAL B 162 -20.67 -2.00 12.92
C VAL B 162 -21.14 -1.37 11.62
N ASN B 163 -20.67 -1.87 10.48
CA ASN B 163 -21.04 -1.31 9.18
C ASN B 163 -20.68 0.17 9.18
N SER B 164 -19.65 0.53 9.93
CA SER B 164 -19.21 1.91 10.03
C SER B 164 -17.75 1.99 9.59
N GLU B 165 -17.52 2.48 8.37
CA GLU B 165 -16.18 2.56 7.82
C GLU B 165 -15.57 3.96 7.84
N ALA B 166 -14.43 4.10 8.51
CA ALA B 166 -13.74 5.38 8.56
C ALA B 166 -13.06 5.52 7.21
N VAL B 167 -13.23 6.68 6.57
CA VAL B 167 -12.64 6.91 5.25
C VAL B 167 -11.64 8.05 5.25
N ALA B 168 -11.64 8.86 6.30
CA ALA B 168 -10.71 9.97 6.39
C ALA B 168 -10.66 10.53 7.80
N ALA B 169 -9.55 11.19 8.12
CA ALA B 169 -9.35 11.76 9.44
C ALA B 169 -8.62 13.10 9.34
N ASP B 170 -9.06 14.05 10.14
CA ASP B 170 -8.48 15.39 10.16
C ASP B 170 -7.73 15.55 11.48
N PRO B 171 -6.46 15.97 11.42
CA PRO B 171 -5.70 16.15 12.67
C PRO B 171 -6.34 17.13 13.64
N VAL B 172 -7.27 17.95 13.14
CA VAL B 172 -7.95 18.92 13.99
C VAL B 172 -8.97 18.23 14.88
N GLY B 173 -9.25 16.96 14.61
CA GLY B 173 -10.20 16.22 15.41
C GLY B 173 -11.50 15.88 14.72
N ARG B 174 -11.42 15.41 13.48
CA ARG B 174 -12.62 15.05 12.74
C ARG B 174 -12.40 13.70 12.06
N LEU B 175 -13.46 12.89 12.03
CA LEU B 175 -13.40 11.57 11.41
C LEU B 175 -14.55 11.44 10.44
N THR B 176 -14.24 11.20 9.17
CA THR B 176 -15.27 11.06 8.15
C THR B 176 -15.55 9.60 7.88
N LEU B 177 -16.83 9.26 7.79
CA LEU B 177 -17.26 7.89 7.53
C LEU B 177 -17.60 7.73 6.05
N GLN B 178 -17.72 6.49 5.61
CA GLN B 178 -18.01 6.19 4.21
C GLN B 178 -19.36 6.74 3.75
N THR B 179 -20.29 6.92 4.68
CA THR B 179 -21.60 7.46 4.33
C THR B 179 -21.51 8.94 4.02
N GLY B 180 -20.45 9.56 4.52
CA GLY B 180 -20.26 10.99 4.30
C GLY B 180 -20.32 11.73 5.62
N GLU B 181 -20.91 11.08 6.63
CA GLU B 181 -21.02 11.68 7.95
C GLU B 181 -19.65 12.06 8.50
N VAL B 182 -19.57 13.23 9.13
CA VAL B 182 -18.32 13.70 9.70
C VAL B 182 -18.50 13.85 11.21
N LEU B 183 -17.62 13.20 11.98
CA LEU B 183 -17.69 13.24 13.43
C LEU B 183 -16.56 14.06 14.01
N GLU B 184 -16.86 14.81 15.07
CA GLU B 184 -15.87 15.63 15.73
C GLU B 184 -15.57 14.99 17.08
N ALA B 185 -14.29 15.01 17.47
CA ALA B 185 -13.88 14.43 18.74
C ALA B 185 -12.59 15.08 19.21
N ASP B 186 -12.17 14.75 20.42
CA ASP B 186 -10.94 15.31 20.99
C ASP B 186 -9.78 14.39 20.68
N LEU B 187 -10.11 13.16 20.31
CA LEU B 187 -9.09 12.17 19.98
C LEU B 187 -9.60 11.24 18.89
N ILE B 188 -8.78 11.03 17.88
CA ILE B 188 -9.12 10.12 16.79
C ILE B 188 -8.04 9.05 16.78
N VAL B 189 -8.46 7.80 16.95
CA VAL B 189 -7.53 6.67 16.94
C VAL B 189 -7.63 5.85 15.67
N GLY B 190 -6.51 5.78 14.95
CA GLY B 190 -6.46 4.99 13.73
C GLY B 190 -5.98 3.59 14.06
N ALA B 191 -6.92 2.65 14.13
CA ALA B 191 -6.59 1.26 14.43
C ALA B 191 -7.27 0.40 13.36
N ASP B 192 -7.24 0.87 12.12
CA ASP B 192 -7.88 0.17 11.03
C ASP B 192 -7.00 -0.78 10.21
N GLY B 193 -5.93 -1.27 10.86
CA GLY B 193 -5.02 -2.22 10.24
C GLY B 193 -4.24 -1.75 9.05
N VAL B 194 -3.54 -2.68 8.41
CA VAL B 194 -2.76 -2.34 7.23
C VAL B 194 -3.75 -1.84 6.19
N GLY B 195 -3.31 -0.88 5.39
CA GLY B 195 -4.22 -0.32 4.40
C GLY B 195 -5.06 0.75 5.05
N SER B 196 -4.70 1.08 6.29
CA SER B 196 -5.41 2.09 7.08
C SER B 196 -5.80 3.32 6.27
N LYS B 197 -7.09 3.56 6.13
CA LYS B 197 -7.58 4.73 5.39
C LYS B 197 -7.35 5.97 6.24
N VAL B 198 -7.36 5.80 7.56
CA VAL B 198 -7.13 6.92 8.46
C VAL B 198 -5.72 7.45 8.20
N ARG B 199 -4.76 6.54 8.22
CA ARG B 199 -3.35 6.89 7.98
C ARG B 199 -3.18 7.52 6.61
N ASP B 200 -3.62 6.82 5.58
CA ASP B 200 -3.48 7.30 4.22
C ASP B 200 -4.23 8.59 3.90
N SER B 201 -5.29 8.88 4.65
CA SER B 201 -6.05 10.10 4.40
C SER B 201 -5.23 11.29 4.86
N ILE B 202 -4.32 11.06 5.80
CA ILE B 202 -3.47 12.12 6.31
C ILE B 202 -2.15 12.14 5.55
N GLY B 203 -1.55 10.98 5.36
CA GLY B 203 -0.29 10.90 4.65
C GLY B 203 0.92 10.84 5.55
N PHE B 204 1.49 9.65 5.70
CA PHE B 204 2.68 9.43 6.52
C PHE B 204 3.78 8.83 5.64
N LYS B 205 5.04 9.13 5.94
CA LYS B 205 6.15 8.56 5.17
C LYS B 205 6.16 7.11 5.63
N GLN B 206 6.11 6.17 4.70
CA GLN B 206 6.02 4.76 5.06
C GLN B 206 7.05 3.81 4.44
N ASP B 207 7.64 2.97 5.28
CA ASP B 207 8.58 1.96 4.80
C ASP B 207 7.69 0.73 4.65
N ARG B 208 7.50 0.25 3.43
CA ARG B 208 6.64 -0.90 3.20
C ARG B 208 7.35 -2.08 2.57
N TRP B 209 7.01 -3.27 3.05
CA TRP B 209 7.59 -4.52 2.54
C TRP B 209 6.53 -5.60 2.57
N VAL B 210 6.52 -6.46 1.56
CA VAL B 210 5.56 -7.54 1.51
C VAL B 210 6.25 -8.88 1.39
N SER B 211 5.77 -9.84 2.16
CA SER B 211 6.32 -11.19 2.15
C SER B 211 5.77 -11.98 0.96
N LYS B 212 6.66 -12.54 0.15
CA LYS B 212 6.24 -13.32 -1.01
C LYS B 212 5.65 -14.66 -0.54
N ASP B 213 6.14 -15.14 0.60
CA ASP B 213 5.69 -16.40 1.16
C ASP B 213 4.71 -16.22 2.33
N GLY B 214 3.72 -17.09 2.39
CA GLY B 214 2.74 -17.00 3.44
C GLY B 214 2.49 -18.35 4.10
N LEU B 215 1.33 -18.48 4.75
CA LEU B 215 1.00 -19.73 5.40
C LEU B 215 -0.50 -19.89 5.48
N ILE B 216 -0.92 -21.07 5.90
CA ILE B 216 -2.33 -21.38 6.05
C ILE B 216 -2.53 -21.60 7.55
N ARG B 217 -3.29 -20.72 8.19
CA ARG B 217 -3.55 -20.81 9.63
C ARG B 217 -4.92 -21.39 9.87
N LEU B 218 -4.98 -22.46 10.66
CA LEU B 218 -6.24 -23.15 10.95
C LEU B 218 -6.43 -23.59 12.39
N ILE B 219 -7.69 -23.80 12.75
CA ILE B 219 -8.04 -24.30 14.08
C ILE B 219 -8.70 -25.64 13.83
N VAL B 220 -8.15 -26.69 14.43
CA VAL B 220 -8.69 -28.03 14.27
C VAL B 220 -8.72 -28.73 15.63
N PRO B 221 -9.45 -29.85 15.74
CA PRO B 221 -9.54 -30.60 16.99
C PRO B 221 -8.14 -31.06 17.40
N ARG B 222 -7.94 -31.24 18.71
CA ARG B 222 -6.65 -31.67 19.24
C ARG B 222 -6.27 -33.09 18.80
N MET B 223 -7.25 -34.00 18.80
CA MET B 223 -7.01 -35.39 18.42
C MET B 223 -5.83 -35.93 19.22
N LYS B 224 -5.66 -35.40 20.43
CA LYS B 224 -4.55 -35.79 21.31
C LYS B 224 -4.36 -37.30 21.42
N LYS B 225 -5.43 -38.04 21.66
CA LYS B 225 -5.33 -39.48 21.78
C LYS B 225 -4.80 -40.12 20.49
N GLU B 226 -5.26 -39.62 19.34
CA GLU B 226 -4.82 -40.16 18.06
C GLU B 226 -3.34 -39.90 17.80
N LEU B 227 -2.79 -38.86 18.42
CA LEU B 227 -1.39 -38.52 18.22
C LEU B 227 -0.46 -39.51 18.91
N GLY B 228 -1.00 -40.27 19.86
CA GLY B 228 -0.18 -41.25 20.55
C GLY B 228 0.94 -40.69 21.40
N HIS B 229 1.99 -41.48 21.57
CA HIS B 229 3.14 -41.08 22.37
C HIS B 229 3.79 -39.78 21.91
N GLY B 230 4.04 -38.89 22.85
CA GLY B 230 4.65 -37.61 22.52
C GLY B 230 4.39 -36.54 23.56
N GLU B 231 4.80 -35.31 23.25
CA GLU B 231 4.61 -34.17 24.15
C GLU B 231 3.69 -33.22 23.39
N TRP B 232 2.48 -33.68 23.15
CA TRP B 232 1.49 -32.96 22.38
C TRP B 232 0.85 -31.72 22.99
N ASP B 233 1.25 -31.35 24.21
CA ASP B 233 0.73 -30.13 24.82
C ASP B 233 1.74 -29.02 24.53
N ASN B 234 2.91 -29.39 24.05
CA ASN B 234 3.96 -28.42 23.75
C ASN B 234 3.64 -27.59 22.50
N THR B 235 4.33 -26.46 22.39
CA THR B 235 4.22 -25.67 21.18
C THR B 235 5.38 -26.37 20.48
N ILE B 236 5.20 -26.74 19.21
CA ILE B 236 6.27 -27.39 18.48
C ILE B 236 6.43 -26.72 17.12
N ASP B 237 7.54 -26.05 16.92
CA ASP B 237 7.80 -25.39 15.65
C ASP B 237 8.56 -26.43 14.83
N MET B 238 7.86 -27.04 13.87
CA MET B 238 8.42 -28.11 13.04
C MET B 238 8.98 -27.66 11.69
N TRP B 239 10.29 -27.40 11.66
CA TRP B 239 10.95 -26.94 10.44
C TRP B 239 11.44 -28.08 9.55
N ASN B 240 11.45 -27.81 8.24
CA ASN B 240 11.94 -28.76 7.25
C ASN B 240 12.40 -28.00 6.02
N PHE B 241 13.54 -28.40 5.45
CA PHE B 241 14.05 -27.79 4.22
C PHE B 241 14.18 -28.89 3.18
N TRP B 242 14.26 -30.12 3.68
CA TRP B 242 14.37 -31.30 2.82
C TRP B 242 13.31 -32.29 3.29
N PRO B 243 12.66 -33.01 2.36
CA PRO B 243 12.85 -32.97 0.91
C PRO B 243 12.41 -31.66 0.27
N ARG B 244 11.65 -30.86 1.02
CA ARG B 244 11.20 -29.58 0.50
C ARG B 244 10.98 -28.62 1.65
N VAL B 245 10.82 -27.33 1.34
CA VAL B 245 10.59 -26.35 2.37
C VAL B 245 9.13 -26.37 2.82
N GLN B 246 8.89 -26.96 3.98
CA GLN B 246 7.57 -27.04 4.58
C GLN B 246 7.75 -26.99 6.09
N ARG B 247 6.93 -26.17 6.74
CA ARG B 247 7.00 -26.00 8.18
C ARG B 247 5.62 -25.95 8.81
N ILE B 248 5.50 -26.50 10.01
CA ILE B 248 4.23 -26.44 10.72
C ILE B 248 4.47 -25.95 12.14
N LEU B 249 3.82 -24.85 12.50
CA LEU B 249 3.91 -24.38 13.88
C LEU B 249 2.68 -25.01 14.52
N TYR B 250 2.92 -25.90 15.47
CA TYR B 250 1.89 -26.64 16.20
C TYR B 250 1.64 -25.89 17.52
N SER B 251 0.41 -25.44 17.73
CA SER B 251 0.10 -24.63 18.90
C SER B 251 -1.23 -24.93 19.60
N PRO B 252 -1.21 -25.73 20.67
CA PRO B 252 -2.45 -26.06 21.40
C PRO B 252 -3.06 -24.80 22.06
N CYS B 253 -4.36 -24.60 21.89
CA CYS B 253 -5.06 -23.44 22.46
C CYS B 253 -5.80 -23.79 23.75
N ASN B 254 -6.13 -25.08 23.87
CA ASN B 254 -6.83 -25.61 25.02
C ASN B 254 -7.04 -27.10 24.77
N GLU B 255 -7.78 -27.75 25.66
CA GLU B 255 -8.01 -29.18 25.51
C GLU B 255 -8.79 -29.59 24.26
N ASN B 256 -9.50 -28.64 23.65
CA ASN B 256 -10.29 -28.97 22.46
C ASN B 256 -9.74 -28.50 21.12
N GLU B 257 -9.13 -27.32 21.12
CA GLU B 257 -8.64 -26.74 19.88
C GLU B 257 -7.13 -26.65 19.71
N LEU B 258 -6.69 -26.90 18.48
CA LEU B 258 -5.29 -26.84 18.12
C LEU B 258 -5.10 -25.82 17.01
N TYR B 259 -4.15 -24.92 17.19
CA TYR B 259 -3.85 -23.89 16.20
C TYR B 259 -2.67 -24.35 15.35
N LEU B 260 -2.91 -24.51 14.06
CA LEU B 260 -1.87 -24.97 13.14
C LEU B 260 -1.50 -23.93 12.10
N GLY B 261 -0.20 -23.79 11.87
CA GLY B 261 0.28 -22.86 10.88
C GLY B 261 1.08 -23.70 9.88
N LEU B 262 0.51 -23.92 8.70
CA LEU B 262 1.18 -24.70 7.65
C LEU B 262 1.87 -23.71 6.73
N MET B 263 3.19 -23.76 6.72
CA MET B 263 3.96 -22.82 5.92
C MET B 263 4.73 -23.45 4.78
N ALA B 264 4.56 -22.88 3.59
CA ALA B 264 5.25 -23.37 2.40
C ALA B 264 5.42 -22.20 1.47
N PRO B 265 6.42 -22.24 0.58
CA PRO B 265 6.64 -21.12 -0.35
C PRO B 265 5.46 -20.93 -1.29
N ALA B 266 5.19 -19.68 -1.65
CA ALA B 266 4.09 -19.37 -2.56
C ALA B 266 4.30 -20.10 -3.88
N ALA B 267 5.56 -20.32 -4.24
CA ALA B 267 5.93 -21.00 -5.48
C ALA B 267 5.64 -22.51 -5.47
N ASP B 268 5.24 -23.04 -4.31
CA ASP B 268 4.93 -24.46 -4.19
C ASP B 268 3.44 -24.65 -4.50
N PRO B 269 3.13 -25.14 -5.71
CA PRO B 269 1.71 -25.32 -6.05
C PRO B 269 0.94 -26.18 -5.06
N ARG B 270 1.56 -27.28 -4.62
CA ARG B 270 0.90 -28.19 -3.67
C ARG B 270 0.87 -27.70 -2.23
N GLY B 271 2.04 -27.31 -1.71
CA GLY B 271 2.12 -26.85 -0.34
C GLY B 271 1.32 -25.62 0.02
N SER B 272 1.17 -24.69 -0.91
CA SER B 272 0.43 -23.46 -0.66
C SER B 272 -1.05 -23.53 -1.07
N SER B 273 -1.50 -24.70 -1.50
CA SER B 273 -2.90 -24.88 -1.93
C SER B 273 -3.92 -24.92 -0.82
N VAL B 274 -5.10 -24.38 -1.12
CA VAL B 274 -6.23 -24.35 -0.19
C VAL B 274 -7.49 -24.71 -0.98
N PRO B 275 -8.31 -25.66 -0.49
CA PRO B 275 -8.13 -26.44 0.75
C PRO B 275 -6.77 -27.10 0.69
N ILE B 276 -6.22 -27.51 1.82
CA ILE B 276 -4.89 -28.10 1.81
C ILE B 276 -4.74 -29.39 1.03
N ASP B 277 -3.56 -29.54 0.44
CA ASP B 277 -3.23 -30.74 -0.32
C ASP B 277 -2.79 -31.71 0.78
N LEU B 278 -3.77 -32.39 1.37
CA LEU B 278 -3.53 -33.32 2.47
C LEU B 278 -2.27 -34.17 2.30
N GLU B 279 -2.21 -34.86 1.17
CA GLU B 279 -1.09 -35.74 0.85
C GLU B 279 0.31 -35.17 1.10
N VAL B 280 0.56 -33.96 0.59
CA VAL B 280 1.88 -33.36 0.75
C VAL B 280 2.24 -32.94 2.17
N TRP B 281 1.23 -32.76 3.03
CA TRP B 281 1.50 -32.39 4.41
C TRP B 281 1.68 -33.63 5.26
N VAL B 282 0.87 -34.65 4.98
CA VAL B 282 0.97 -35.91 5.71
C VAL B 282 2.32 -36.57 5.43
N GLU B 283 2.81 -36.44 4.20
CA GLU B 283 4.09 -37.02 3.83
C GLU B 283 5.25 -36.55 4.71
N MET B 284 5.33 -35.25 4.96
CA MET B 284 6.41 -34.70 5.78
C MET B 284 6.05 -34.51 7.25
N PHE B 285 4.78 -34.66 7.58
CA PHE B 285 4.31 -34.52 8.96
C PHE B 285 3.36 -35.69 9.24
N PRO B 286 3.84 -36.93 9.06
CA PRO B 286 3.02 -38.12 9.30
C PRO B 286 2.44 -38.21 10.70
N PHE B 287 3.24 -37.82 11.70
CA PHE B 287 2.83 -37.85 13.10
C PHE B 287 1.63 -36.96 13.41
N LEU B 288 1.25 -36.10 12.46
CA LEU B 288 0.10 -35.22 12.67
C LEU B 288 -1.08 -35.56 11.76
N GLU B 289 -1.00 -36.67 11.04
CA GLU B 289 -2.07 -37.06 10.13
C GLU B 289 -3.48 -36.92 10.71
N PRO B 290 -3.70 -37.37 11.94
CA PRO B 290 -5.05 -37.24 12.51
C PRO B 290 -5.57 -35.80 12.48
N CYS B 291 -4.70 -34.85 12.84
CA CYS B 291 -5.10 -33.45 12.85
C CYS B 291 -5.13 -32.87 11.43
N LEU B 292 -4.21 -33.29 10.59
CA LEU B 292 -4.13 -32.82 9.21
C LEU B 292 -5.39 -33.25 8.47
N ILE B 293 -5.85 -34.46 8.75
CA ILE B 293 -7.07 -34.97 8.12
C ILE B 293 -8.24 -34.04 8.44
N GLU B 294 -8.26 -33.52 9.66
CA GLU B 294 -9.33 -32.61 10.08
C GLU B 294 -9.16 -31.26 9.39
N ALA B 295 -7.91 -30.83 9.24
CA ALA B 295 -7.63 -29.54 8.61
C ALA B 295 -8.04 -29.56 7.14
N ALA B 296 -7.98 -30.74 6.53
CA ALA B 296 -8.34 -30.87 5.12
C ALA B 296 -9.82 -30.65 4.88
N LYS B 297 -10.61 -30.74 5.94
CA LYS B 297 -12.05 -30.55 5.83
C LYS B 297 -12.43 -29.07 5.83
N LEU B 298 -11.49 -28.21 6.21
CA LEU B 298 -11.72 -26.77 6.26
C LEU B 298 -11.61 -26.15 4.88
N LYS B 299 -12.75 -26.01 4.22
CA LYS B 299 -12.80 -25.44 2.88
C LYS B 299 -12.58 -23.93 2.86
N THR B 300 -12.61 -23.32 4.04
CA THR B 300 -12.41 -21.89 4.16
C THR B 300 -10.94 -21.51 4.34
N ALA B 301 -10.07 -22.50 4.43
CA ALA B 301 -8.64 -22.26 4.59
C ALA B 301 -8.15 -21.22 3.59
N ARG B 302 -7.22 -20.37 4.02
CA ARG B 302 -6.68 -19.34 3.14
C ARG B 302 -5.17 -19.27 3.25
N TYR B 303 -4.51 -18.98 2.13
CA TYR B 303 -3.07 -18.85 2.12
C TYR B 303 -2.81 -17.36 2.18
N ASP B 304 -2.48 -16.88 3.38
CA ASP B 304 -2.24 -15.46 3.60
C ASP B 304 -0.78 -15.08 3.60
N LYS B 305 -0.49 -13.94 3.00
CA LYS B 305 0.85 -13.41 2.97
C LYS B 305 0.74 -12.24 3.93
N TYR B 306 1.81 -11.47 4.11
CA TYR B 306 1.72 -10.34 5.01
C TYR B 306 2.68 -9.24 4.62
N GLU B 307 2.49 -8.07 5.20
CA GLU B 307 3.35 -6.94 4.93
C GLU B 307 3.75 -6.30 6.24
N THR B 308 4.84 -5.56 6.21
CA THR B 308 5.34 -4.87 7.38
C THR B 308 5.32 -3.38 7.06
N THR B 309 5.25 -2.55 8.09
CA THR B 309 5.21 -1.11 7.89
C THR B 309 5.86 -0.33 9.02
N LYS B 310 6.70 0.63 8.64
CA LYS B 310 7.36 1.49 9.61
C LYS B 310 7.13 2.93 9.13
N LEU B 311 6.56 3.75 10.01
CA LEU B 311 6.25 5.14 9.66
C LEU B 311 7.20 6.13 10.31
N ASP B 312 7.34 7.31 9.70
CA ASP B 312 8.24 8.32 10.26
C ASP B 312 7.67 8.86 11.57
N SER B 313 6.37 8.67 11.77
CA SER B 313 5.69 9.10 12.99
C SER B 313 4.35 8.39 13.10
N TRP B 314 3.79 8.38 14.30
CA TRP B 314 2.51 7.72 14.56
C TRP B 314 1.41 8.69 14.91
N THR B 315 1.72 9.99 14.88
CA THR B 315 0.74 10.98 15.26
C THR B 315 0.69 12.20 14.34
N ARG B 316 -0.44 12.89 14.39
CA ARG B 316 -0.66 14.10 13.61
C ARG B 316 -1.81 14.82 14.30
N GLY B 317 -1.51 15.90 15.00
CA GLY B 317 -2.55 16.63 15.69
C GLY B 317 -3.22 15.75 16.72
N LYS B 318 -4.54 15.62 16.61
CA LYS B 318 -5.30 14.81 17.54
C LYS B 318 -5.53 13.39 17.04
N VAL B 319 -4.76 13.00 16.02
CA VAL B 319 -4.87 11.66 15.46
C VAL B 319 -3.67 10.79 15.84
N ALA B 320 -3.97 9.58 16.33
CA ALA B 320 -2.94 8.63 16.72
C ALA B 320 -3.15 7.28 16.01
N LEU B 321 -2.08 6.78 15.39
CA LEU B 321 -2.13 5.50 14.70
C LEU B 321 -1.62 4.40 15.64
N VAL B 322 -2.38 3.31 15.78
CA VAL B 322 -1.95 2.21 16.64
C VAL B 322 -2.15 0.88 15.92
N GLY B 323 -1.39 -0.12 16.34
CA GLY B 323 -1.49 -1.44 15.73
C GLY B 323 -0.83 -1.54 14.36
N ASP B 324 -1.35 -2.47 13.55
CA ASP B 324 -0.81 -2.70 12.21
C ASP B 324 -0.76 -1.44 11.35
N ALA B 325 -1.72 -0.54 11.56
CA ALA B 325 -1.77 0.69 10.78
C ALA B 325 -0.48 1.50 10.93
N ALA B 326 0.17 1.33 12.07
CA ALA B 326 1.41 2.08 12.34
C ALA B 326 2.66 1.25 12.29
N HIS B 327 2.56 -0.02 12.67
CA HIS B 327 3.75 -0.85 12.73
C HIS B 327 3.61 -2.35 12.46
N ALA B 328 2.86 -2.74 11.43
CA ALA B 328 2.74 -4.17 11.12
C ALA B 328 4.17 -4.69 11.00
N MET B 329 4.42 -5.90 11.52
CA MET B 329 5.77 -6.46 11.48
C MET B 329 5.80 -7.95 11.14
N CYS B 330 7.00 -8.50 11.00
CA CYS B 330 7.14 -9.93 10.72
C CYS B 330 6.72 -10.69 11.98
N PRO B 331 6.04 -11.82 11.80
CA PRO B 331 5.55 -12.68 12.89
C PRO B 331 6.54 -13.52 13.70
N ALA B 332 7.80 -13.53 13.30
CA ALA B 332 8.82 -14.34 14.00
C ALA B 332 8.77 -14.30 15.52
N LEU B 333 8.71 -13.11 16.11
CA LEU B 333 8.68 -12.99 17.56
C LEU B 333 7.27 -13.00 18.18
N ALA B 334 6.25 -13.21 17.37
CA ALA B 334 4.88 -13.25 17.88
C ALA B 334 4.60 -12.08 18.79
N GLN B 335 4.84 -10.87 18.27
CA GLN B 335 4.65 -9.65 19.02
C GLN B 335 3.83 -8.62 18.27
N GLY B 336 3.31 -8.99 17.11
CA GLY B 336 2.50 -8.06 16.34
C GLY B 336 1.37 -7.46 17.18
N ALA B 337 0.55 -8.33 17.76
CA ALA B 337 -0.57 -7.86 18.58
C ALA B 337 -0.11 -7.42 19.97
N GLY B 338 0.96 -8.04 20.45
CA GLY B 338 1.48 -7.69 21.76
C GLY B 338 1.87 -6.22 21.78
N CYS B 339 2.66 -5.80 20.80
CA CYS B 339 3.05 -4.40 20.75
C CYS B 339 1.85 -3.49 20.51
N ALA B 340 0.94 -3.92 19.65
CA ALA B 340 -0.26 -3.13 19.35
C ALA B 340 -1.02 -2.82 20.61
N MET B 341 -1.25 -3.85 21.43
CA MET B 341 -1.98 -3.69 22.68
C MET B 341 -1.21 -2.85 23.68
N VAL B 342 0.10 -3.05 23.74
CA VAL B 342 0.93 -2.25 24.65
C VAL B 342 0.83 -0.79 24.24
N ASN B 343 0.95 -0.53 22.94
CA ASN B 343 0.88 0.84 22.45
C ASN B 343 -0.47 1.51 22.66
N ALA B 344 -1.56 0.80 22.38
CA ALA B 344 -2.88 1.36 22.57
C ALA B 344 -3.13 1.62 24.04
N PHE B 345 -2.67 0.72 24.89
CA PHE B 345 -2.86 0.89 26.32
C PHE B 345 -2.01 2.06 26.82
N SER B 346 -0.80 2.16 26.30
CA SER B 346 0.11 3.22 26.71
C SER B 346 -0.44 4.60 26.29
N LEU B 347 -1.14 4.63 25.15
CA LEU B 347 -1.71 5.88 24.67
C LEU B 347 -2.64 6.47 25.72
N SER B 348 -3.48 5.64 26.31
CA SER B 348 -4.41 6.11 27.35
C SER B 348 -3.64 6.64 28.57
N GLN B 349 -2.51 6.02 28.89
CA GLN B 349 -1.73 6.48 30.04
C GLN B 349 -1.23 7.90 29.84
N ASP B 350 -0.65 8.17 28.68
CA ASP B 350 -0.13 9.49 28.38
C ASP B 350 -1.20 10.58 28.30
N LEU B 351 -2.44 10.17 28.04
CA LEU B 351 -3.53 11.14 27.95
C LEU B 351 -4.07 11.51 29.33
N GLU B 352 -3.41 11.01 30.37
CA GLU B 352 -3.81 11.29 31.74
C GLU B 352 -2.79 12.23 32.40
N GLU B 353 -1.90 12.80 31.60
CA GLU B 353 -0.86 13.68 32.13
C GLU B 353 -1.24 15.15 32.28
N GLY B 354 -2.48 15.49 31.93
CA GLY B 354 -2.93 16.86 32.06
C GLY B 354 -2.48 17.84 30.98
N SER B 355 -1.98 17.33 29.87
CA SER B 355 -1.56 18.22 28.79
C SER B 355 -2.52 18.09 27.62
N SER B 356 -2.28 18.87 26.58
CA SER B 356 -3.12 18.83 25.39
C SER B 356 -3.02 17.43 24.77
N VAL B 357 -4.06 17.04 24.05
CA VAL B 357 -4.05 15.75 23.38
C VAL B 357 -2.86 15.70 22.44
N GLU B 358 -2.60 16.81 21.74
CA GLU B 358 -1.50 16.88 20.79
C GLU B 358 -0.14 16.61 21.43
N ASP B 359 0.14 17.23 22.56
CA ASP B 359 1.41 16.99 23.23
C ASP B 359 1.47 15.60 23.84
N ALA B 360 0.33 15.11 24.32
CA ALA B 360 0.25 13.79 24.92
C ALA B 360 0.62 12.72 23.89
N LEU B 361 0.11 12.88 22.67
CA LEU B 361 0.39 11.90 21.62
C LEU B 361 1.88 11.85 21.25
N VAL B 362 2.53 13.01 21.16
CA VAL B 362 3.95 13.01 20.83
C VAL B 362 4.76 12.42 21.99
N ALA B 363 4.34 12.71 23.22
CA ALA B 363 5.03 12.18 24.38
C ALA B 363 4.87 10.66 24.41
N TRP B 364 3.70 10.20 23.97
CA TRP B 364 3.37 8.77 23.91
C TRP B 364 4.31 8.04 22.94
N GLU B 365 4.42 8.55 21.72
CA GLU B 365 5.29 7.90 20.73
C GLU B 365 6.73 7.91 21.21
N THR B 366 7.20 9.07 21.65
CA THR B 366 8.57 9.21 22.13
C THR B 366 8.91 8.19 23.21
N ARG B 367 7.95 7.92 24.08
CA ARG B 367 8.16 6.99 25.19
C ARG B 367 8.07 5.52 24.85
N ILE B 368 7.03 5.16 24.11
CA ILE B 368 6.76 3.77 23.81
C ILE B 368 7.25 3.17 22.49
N ARG B 369 7.39 4.00 21.46
CA ARG B 369 7.80 3.49 20.16
C ARG B 369 9.10 2.68 20.07
N PRO B 370 10.18 3.11 20.74
CA PRO B 370 11.45 2.37 20.69
C PRO B 370 11.34 0.86 20.95
N ILE B 371 10.47 0.46 21.87
CA ILE B 371 10.28 -0.96 22.16
C ILE B 371 9.77 -1.67 20.91
N THR B 372 8.84 -1.02 20.20
CA THR B 372 8.27 -1.62 19.00
C THR B 372 9.24 -1.60 17.82
N ASP B 373 9.97 -0.49 17.65
CA ASP B 373 10.92 -0.42 16.55
C ASP B 373 11.95 -1.54 16.66
N ARG B 374 12.48 -1.72 17.86
CA ARG B 374 13.47 -2.77 18.09
C ARG B 374 12.90 -4.16 17.89
N CYS B 375 11.70 -4.39 18.39
CA CYS B 375 11.07 -5.70 18.25
C CYS B 375 10.82 -5.99 16.77
N GLN B 376 10.29 -5.02 16.05
CA GLN B 376 10.02 -5.18 14.64
C GLN B 376 11.30 -5.42 13.82
N ALA B 377 12.39 -4.75 14.20
CA ALA B 377 13.66 -4.92 13.49
C ALA B 377 14.24 -6.31 13.72
N LEU B 378 14.29 -6.72 14.98
CA LEU B 378 14.83 -8.03 15.31
C LEU B 378 14.00 -9.15 14.70
N SER B 379 12.68 -9.01 14.72
CA SER B 379 11.81 -10.04 14.15
C SER B 379 12.11 -10.14 12.65
N GLY B 380 12.33 -9.00 12.01
CA GLY B 380 12.64 -8.99 10.59
C GLY B 380 13.93 -9.74 10.31
N ASP B 381 14.93 -9.56 11.18
CA ASP B 381 16.19 -10.25 11.00
C ASP B 381 15.98 -11.75 11.18
N TYR B 382 15.19 -12.12 12.19
CA TYR B 382 14.92 -13.52 12.43
C TYR B 382 14.24 -14.15 11.23
N ALA B 383 13.24 -13.47 10.68
CA ALA B 383 12.53 -13.99 9.53
C ALA B 383 13.44 -14.12 8.32
N ALA B 384 14.21 -13.08 8.04
CA ALA B 384 15.12 -13.07 6.89
C ALA B 384 16.16 -14.18 6.98
N ASN B 385 16.73 -14.38 8.16
CA ASN B 385 17.75 -15.41 8.34
C ASN B 385 17.21 -16.75 8.85
N ARG B 386 15.88 -16.92 8.86
CA ARG B 386 15.28 -18.17 9.34
C ARG B 386 15.88 -18.59 10.68
N SER B 387 16.25 -17.60 11.49
CA SER B 387 16.85 -17.84 12.80
C SER B 387 16.13 -18.81 13.73
N LEU B 388 14.79 -18.81 13.68
CA LEU B 388 14.02 -19.69 14.56
C LEU B 388 14.24 -21.18 14.31
N SER B 389 14.63 -21.54 13.10
CA SER B 389 14.86 -22.93 12.74
C SER B 389 16.05 -23.52 13.50
N LYS B 390 16.87 -22.67 14.09
CA LYS B 390 18.03 -23.15 14.85
C LYS B 390 17.65 -23.46 16.29
N GLY B 391 16.57 -22.87 16.76
CA GLY B 391 16.14 -23.11 18.13
C GLY B 391 16.94 -22.26 19.10
N ASN B 392 16.47 -22.16 20.33
CA ASN B 392 17.14 -21.38 21.37
C ASN B 392 17.33 -19.95 20.93
N MET B 393 16.39 -19.45 20.14
CA MET B 393 16.49 -18.08 19.64
C MET B 393 15.70 -17.05 20.42
N PHE B 394 15.02 -17.46 21.49
CA PHE B 394 14.30 -16.49 22.28
C PHE B 394 15.26 -16.03 23.38
N THR B 395 16.22 -15.24 22.92
CA THR B 395 17.27 -14.67 23.74
C THR B 395 16.72 -13.49 24.54
N PRO B 396 17.54 -12.91 25.43
CA PRO B 396 17.07 -11.77 26.22
C PRO B 396 16.61 -10.64 25.29
N ALA B 397 17.37 -10.43 24.21
CA ALA B 397 17.06 -9.39 23.25
C ALA B 397 15.74 -9.65 22.53
N ALA B 398 15.52 -10.90 22.10
CA ALA B 398 14.28 -11.25 21.41
C ALA B 398 13.07 -11.13 22.34
N LEU B 399 13.29 -11.38 23.62
CA LEU B 399 12.24 -11.32 24.62
C LEU B 399 12.05 -9.93 25.22
N GLU B 400 12.73 -8.95 24.64
CA GLU B 400 12.64 -7.59 25.15
C GLU B 400 11.22 -7.05 25.26
N ALA B 401 10.49 -7.10 24.15
CA ALA B 401 9.12 -6.60 24.17
C ALA B 401 8.28 -7.43 25.14
N ALA B 402 8.44 -8.74 25.10
CA ALA B 402 7.68 -9.61 25.97
C ALA B 402 7.93 -9.28 27.44
N ARG B 403 9.17 -8.93 27.77
CA ARG B 403 9.54 -8.61 29.15
C ARG B 403 8.93 -7.32 29.68
N TYR B 404 8.58 -6.42 28.78
CA TYR B 404 8.03 -5.14 29.17
C TYR B 404 6.67 -5.23 29.85
N ASP B 405 6.55 -4.53 30.98
CA ASP B 405 5.32 -4.47 31.75
C ASP B 405 4.74 -3.07 31.63
N PRO B 406 3.73 -2.90 30.78
CA PRO B 406 3.06 -1.61 30.55
C PRO B 406 2.39 -1.01 31.78
N LEU B 407 1.96 -1.85 32.70
CA LEU B 407 1.27 -1.38 33.89
C LEU B 407 2.21 -0.62 34.83
N ARG B 408 3.39 -1.17 35.09
CA ARG B 408 4.36 -0.54 35.96
C ARG B 408 5.39 0.22 35.13
N ARG B 409 5.37 -0.02 33.82
CA ARG B 409 6.26 0.66 32.91
C ARG B 409 7.72 0.32 33.23
N VAL B 410 7.98 -0.96 33.40
CA VAL B 410 9.31 -1.46 33.71
C VAL B 410 9.51 -2.81 33.04
N TYR B 411 10.76 -3.28 32.98
CA TYR B 411 11.05 -4.58 32.39
C TYR B 411 11.13 -5.62 33.50
N SER B 412 10.34 -6.67 33.36
CA SER B 412 10.26 -7.74 34.37
C SER B 412 10.82 -9.06 33.83
N TRP B 413 10.61 -10.15 34.59
CA TRP B 413 11.08 -11.48 34.23
C TRP B 413 12.43 -11.48 33.51
N PRO B 414 13.50 -11.10 34.21
CA PRO B 414 14.84 -11.06 33.64
C PRO B 414 15.34 -12.39 33.09
N GLN B 415 16.07 -12.33 31.99
CA GLN B 415 16.61 -13.52 31.35
C GLN B 415 18.10 -13.66 31.62
#